data_3PGJ
#
_entry.id   3PGJ
#
_cell.length_a   75.527
_cell.length_b   83.657
_cell.length_c   79.585
_cell.angle_alpha   90.00
_cell.angle_beta   93.51
_cell.angle_gamma   90.00
#
_symmetry.space_group_name_H-M   'P 1 21 1'
#
loop_
_entity.id
_entity.type
_entity.pdbx_description
1 polymer 'Shikimate dehydrogenase'
2 non-polymer '(3R,4S,5R)-3,4,5-TRIHYDROXYCYCLOHEX-1-ENE-1-CARBOXYLIC ACID'
3 water water
#
_entity_poly.entity_id   1
_entity_poly.type   'polypeptide(L)'
_entity_poly.pdbx_seq_one_letter_code
;MHHHHHHSSGVDLGTENLYFQSNAMASQIDQYAVFGNPINHSKSPFIHTLFARQTQQSMIYTAQCVPVDGFTEAAKHFFA
QGGRGCNVTVPFKEEAYRFADRLTERARLAGAVNTLKKLDDGEILGDNTDGEGLVQDLLAQQVLLKGATILLIGAGGAAR
GVLKPLLDQQPASITVTNRTFAKAEQLAELVAAYGEVKAQAFEQLKQSYDVIINSTSASLDGELPAIDPVIFSSRSVCYD
MMYGKGYTVFNQWARQHGCAQAIDGLGMLVGQAAESFMLWRGLRPGTKQILRELRKNLEGAL
;
_entity_poly.pdbx_strand_id   A,B,C,D
#
# COMPACT_ATOMS: atom_id res chain seq x y z
N ILE A 29 17.39 21.11 -0.93
CA ILE A 29 16.20 21.92 -0.52
C ILE A 29 15.49 22.48 -1.75
N ASP A 30 14.44 21.79 -2.16
CA ASP A 30 13.64 22.17 -3.32
C ASP A 30 12.71 23.33 -3.01
N GLN A 31 12.51 24.20 -3.99
CA GLN A 31 11.66 25.37 -3.82
C GLN A 31 10.34 25.20 -4.54
N TYR A 32 9.25 25.49 -3.81
CA TYR A 32 7.90 25.43 -4.32
C TYR A 32 7.26 26.70 -3.82
N ALA A 33 6.18 27.14 -4.45
CA ALA A 33 5.50 28.35 -4.03
C ALA A 33 4.08 28.43 -4.55
N VAL A 34 3.38 29.48 -4.11
CA VAL A 34 2.02 29.75 -4.54
C VAL A 34 2.02 31.18 -5.05
N PHE A 35 1.41 31.39 -6.21
CA PHE A 35 1.32 32.71 -6.82
C PHE A 35 -0.08 33.29 -6.75
N GLY A 36 -0.16 34.52 -6.24
CA GLY A 36 -1.41 35.26 -6.09
C GLY A 36 -1.10 36.73 -6.10
N ASN A 37 -2.12 37.58 -6.06
CA ASN A 37 -1.88 39.03 -6.08
C ASN A 37 -3.02 39.93 -5.56
N PRO A 38 -3.36 39.82 -4.26
CA PRO A 38 -2.80 38.94 -3.26
C PRO A 38 -3.45 37.56 -3.46
N ILE A 39 -2.96 36.46 -2.90
CA ILE A 39 -1.80 36.32 -2.00
C ILE A 39 -2.14 37.01 -0.69
N ASN A 40 -3.44 37.17 -0.44
CA ASN A 40 -3.93 37.81 0.78
C ASN A 40 -3.84 36.76 1.87
N HIS A 41 -2.60 36.53 2.28
CA HIS A 41 -2.29 35.55 3.30
C HIS A 41 -2.84 34.17 2.93
N SER A 42 -2.14 33.56 1.97
CA SER A 42 -2.49 32.25 1.51
C SER A 42 -2.16 31.33 2.66
N LYS A 43 -2.87 30.22 2.77
CA LYS A 43 -2.62 29.25 3.83
C LYS A 43 -1.75 28.13 3.28
N SER A 44 -1.51 28.15 1.97
CA SER A 44 -0.69 27.12 1.34
C SER A 44 0.71 26.97 1.92
N PRO A 45 1.38 28.09 2.26
CA PRO A 45 2.71 27.93 2.85
C PRO A 45 2.60 27.18 4.17
N PHE A 46 1.65 27.57 5.00
CA PHE A 46 1.41 26.92 6.28
C PHE A 46 1.10 25.44 6.06
N ILE A 47 0.18 25.17 5.14
CA ILE A 47 -0.23 23.80 4.84
C ILE A 47 0.93 22.94 4.36
N HIS A 48 1.52 23.33 3.23
CA HIS A 48 2.64 22.60 2.66
C HIS A 48 3.86 22.49 3.55
N THR A 49 4.07 23.48 4.42
CA THR A 49 5.22 23.42 5.30
C THR A 49 4.96 22.28 6.26
N LEU A 50 3.72 22.14 6.73
CA LEU A 50 3.38 21.05 7.62
C LEU A 50 3.45 19.72 6.88
N PHE A 51 2.95 19.66 5.64
CA PHE A 51 3.05 18.40 4.91
C PHE A 51 4.54 18.00 4.88
N ALA A 52 5.42 18.97 4.64
CA ALA A 52 6.86 18.72 4.57
C ALA A 52 7.35 18.06 5.85
N ARG A 53 7.00 18.65 6.99
CA ARG A 53 7.39 18.09 8.28
C ARG A 53 6.90 16.65 8.42
N GLN A 54 5.61 16.41 8.18
CA GLN A 54 5.04 15.05 8.28
C GLN A 54 5.65 14.01 7.35
N THR A 55 6.02 14.43 6.16
CA THR A 55 6.62 13.53 5.18
C THR A 55 8.13 13.67 5.14
N GLN A 56 8.69 14.46 6.05
CA GLN A 56 10.14 14.67 6.13
C GLN A 56 10.73 14.96 4.75
N GLN A 57 10.16 15.92 4.05
CA GLN A 57 10.63 16.28 2.73
C GLN A 57 11.46 17.55 2.80
N SER A 58 12.62 17.51 2.17
CA SER A 58 13.55 18.64 2.15
C SER A 58 13.07 19.63 1.09
N MET A 59 12.23 20.58 1.52
CA MET A 59 11.65 21.58 0.64
C MET A 59 11.12 22.78 1.39
N ILE A 60 11.02 23.92 0.69
CA ILE A 60 10.50 25.15 1.28
C ILE A 60 9.40 25.68 0.36
N TYR A 61 8.27 26.03 0.94
CA TYR A 61 7.14 26.54 0.17
C TYR A 61 6.90 27.99 0.59
N THR A 62 6.95 28.91 -0.37
CA THR A 62 6.72 30.34 -0.08
C THR A 62 5.57 30.95 -0.89
N ALA A 63 5.17 32.15 -0.46
CA ALA A 63 4.11 32.90 -1.10
C ALA A 63 4.77 34.02 -1.89
N GLN A 64 4.73 33.91 -3.22
CA GLN A 64 5.33 34.88 -4.13
C GLN A 64 4.29 35.83 -4.69
N CYS A 65 4.69 37.09 -4.90
CA CYS A 65 3.81 38.09 -5.48
C CYS A 65 3.91 37.97 -6.99
N VAL A 66 2.81 38.19 -7.69
CA VAL A 66 2.86 38.12 -9.14
C VAL A 66 2.96 39.57 -9.62
N PRO A 67 3.92 39.85 -10.52
CA PRO A 67 4.07 41.22 -11.01
C PRO A 67 2.89 41.63 -11.88
N VAL A 68 2.66 42.94 -11.99
CA VAL A 68 1.53 43.46 -12.77
C VAL A 68 1.57 43.04 -14.25
N ASP A 69 2.75 43.02 -14.85
CA ASP A 69 2.88 42.61 -16.25
C ASP A 69 2.47 41.15 -16.53
N GLY A 70 2.47 40.30 -15.51
CA GLY A 70 2.07 38.93 -15.77
C GLY A 70 2.66 37.80 -14.96
N PHE A 71 1.84 36.76 -14.84
CA PHE A 71 2.20 35.56 -14.15
C PHE A 71 3.28 34.83 -14.93
N THR A 72 3.15 34.88 -16.26
CA THR A 72 4.09 34.24 -17.16
C THR A 72 5.52 34.65 -16.84
N GLU A 73 5.71 35.92 -16.51
CA GLU A 73 7.02 36.44 -16.20
C GLU A 73 7.50 35.85 -14.89
N ALA A 74 6.60 35.78 -13.91
CA ALA A 74 6.92 35.23 -12.62
C ALA A 74 7.34 33.77 -12.77
N ALA A 75 6.47 32.98 -13.42
CA ALA A 75 6.70 31.56 -13.66
C ALA A 75 8.06 31.29 -14.29
N LYS A 76 8.39 32.01 -15.38
CA LYS A 76 9.69 31.82 -16.04
C LYS A 76 10.81 32.02 -15.05
N HIS A 77 10.80 33.17 -14.38
CA HIS A 77 11.80 33.51 -13.39
C HIS A 77 11.87 32.43 -12.31
N PHE A 78 10.72 31.98 -11.84
CA PHE A 78 10.65 30.97 -10.81
C PHE A 78 11.30 29.66 -11.24
N PHE A 79 10.84 29.10 -12.35
CA PHE A 79 11.42 27.84 -12.82
C PHE A 79 12.82 28.03 -13.38
N ALA A 80 13.16 29.26 -13.75
CA ALA A 80 14.49 29.54 -14.28
C ALA A 80 15.52 29.47 -13.15
N GLN A 81 15.12 29.91 -11.96
CA GLN A 81 16.02 29.91 -10.81
C GLN A 81 16.05 28.62 -9.97
N GLY A 82 15.48 27.54 -10.49
CA GLY A 82 15.48 26.26 -9.79
C GLY A 82 14.21 25.81 -9.10
N GLY A 83 13.10 26.50 -9.32
CA GLY A 83 11.84 26.10 -8.69
C GLY A 83 11.39 24.79 -9.31
N ARG A 84 10.79 23.90 -8.52
CA ARG A 84 10.32 22.62 -9.06
C ARG A 84 8.82 22.53 -9.29
N GLY A 85 8.07 23.41 -8.64
CA GLY A 85 6.61 23.41 -8.79
C GLY A 85 5.97 24.56 -8.06
N CYS A 86 4.70 24.82 -8.39
CA CYS A 86 3.99 25.89 -7.71
C CYS A 86 2.51 25.85 -7.97
N ASN A 87 1.77 26.42 -7.03
CA ASN A 87 0.33 26.54 -7.12
C ASN A 87 0.03 27.91 -7.66
N VAL A 88 -1.14 28.04 -8.27
CA VAL A 88 -1.56 29.29 -8.84
C VAL A 88 -2.97 29.53 -8.37
N THR A 89 -3.23 30.72 -7.84
CA THR A 89 -4.54 31.06 -7.35
C THR A 89 -5.24 31.86 -8.42
N VAL A 90 -6.53 32.11 -8.24
CA VAL A 90 -7.29 32.89 -9.19
C VAL A 90 -6.81 34.34 -9.04
N PRO A 91 -6.86 35.14 -10.11
CA PRO A 91 -7.32 34.83 -11.46
C PRO A 91 -6.18 34.53 -12.44
N PHE A 92 -5.20 33.73 -12.03
CA PHE A 92 -4.09 33.42 -12.92
C PHE A 92 -4.09 31.99 -13.45
N LYS A 93 -5.11 31.22 -13.09
CA LYS A 93 -5.17 29.83 -13.54
C LYS A 93 -5.21 29.66 -15.06
N GLU A 94 -5.93 30.54 -15.75
CA GLU A 94 -5.99 30.43 -17.20
C GLU A 94 -4.62 30.72 -17.81
N GLU A 95 -3.93 31.71 -17.26
CA GLU A 95 -2.61 32.06 -17.77
C GLU A 95 -1.62 30.90 -17.50
N ALA A 96 -1.81 30.17 -16.40
CA ALA A 96 -0.95 29.03 -16.06
C ALA A 96 -1.19 27.90 -17.08
N TYR A 97 -2.43 27.78 -17.54
CA TYR A 97 -2.83 26.79 -18.54
C TYR A 97 -2.01 27.02 -19.82
N ARG A 98 -1.83 28.28 -20.19
CA ARG A 98 -1.06 28.62 -21.39
C ARG A 98 0.44 28.44 -21.20
N PHE A 99 0.91 28.67 -19.98
CA PHE A 99 2.32 28.54 -19.67
C PHE A 99 2.82 27.11 -19.69
N ALA A 100 1.95 26.17 -19.35
CA ALA A 100 2.33 24.76 -19.33
C ALA A 100 2.72 24.24 -20.70
N ASP A 101 3.63 23.29 -20.73
CA ASP A 101 4.09 22.64 -21.97
C ASP A 101 3.22 21.39 -22.20
N ARG A 102 2.71 20.83 -21.10
CA ARG A 102 1.85 19.66 -21.14
C ARG A 102 0.78 19.86 -20.08
N LEU A 103 -0.41 19.37 -20.36
CA LEU A 103 -1.55 19.48 -19.46
C LEU A 103 -2.09 18.12 -19.18
N THR A 104 -2.53 17.89 -17.96
CA THR A 104 -3.11 16.60 -17.62
C THR A 104 -4.52 16.67 -18.22
N GLU A 105 -5.19 15.53 -18.29
CA GLU A 105 -6.54 15.49 -18.84
C GLU A 105 -7.48 16.37 -18.01
N ARG A 106 -7.40 16.26 -16.69
CA ARG A 106 -8.25 17.06 -15.84
C ARG A 106 -8.01 18.56 -15.97
N ALA A 107 -6.81 18.95 -16.37
CA ALA A 107 -6.49 20.37 -16.53
C ALA A 107 -7.07 20.89 -17.83
N ARG A 108 -7.06 20.05 -18.87
CA ARG A 108 -7.58 20.45 -20.16
C ARG A 108 -9.10 20.64 -20.01
N LEU A 109 -9.73 19.73 -19.29
CA LEU A 109 -11.17 19.79 -19.07
C LEU A 109 -11.56 20.92 -18.15
N ALA A 110 -10.75 21.19 -17.14
CA ALA A 110 -11.05 22.27 -16.22
C ALA A 110 -10.80 23.61 -16.89
N GLY A 111 -9.95 23.62 -17.92
CA GLY A 111 -9.62 24.84 -18.63
C GLY A 111 -8.82 25.81 -17.78
N ALA A 112 -8.15 25.28 -16.76
CA ALA A 112 -7.35 26.12 -15.86
C ALA A 112 -6.39 25.25 -15.08
N VAL A 113 -5.24 25.82 -14.76
CA VAL A 113 -4.19 25.13 -14.01
C VAL A 113 -3.88 25.75 -12.67
N ASN A 114 -3.97 24.96 -11.59
CA ASN A 114 -3.64 25.47 -10.26
C ASN A 114 -2.30 24.88 -9.80
N THR A 115 -1.73 23.99 -10.59
CA THR A 115 -0.49 23.33 -10.24
C THR A 115 0.47 23.11 -11.41
N LEU A 116 1.68 23.64 -11.27
CA LEU A 116 2.73 23.49 -12.27
C LEU A 116 3.86 22.66 -11.67
N LYS A 117 4.53 21.89 -12.52
CA LYS A 117 5.63 21.04 -12.11
C LYS A 117 6.69 20.97 -13.19
N LYS A 118 7.95 21.14 -12.79
CA LYS A 118 9.03 21.06 -13.75
C LYS A 118 9.39 19.57 -13.79
N LEU A 119 9.24 18.96 -14.96
CA LEU A 119 9.56 17.55 -15.13
C LEU A 119 11.05 17.39 -15.38
N ASP A 120 11.55 16.16 -15.21
CA ASP A 120 12.96 15.84 -15.41
C ASP A 120 13.54 16.31 -16.75
N ASP A 121 12.76 16.26 -17.83
CA ASP A 121 13.27 16.68 -19.15
C ASP A 121 13.23 18.19 -19.39
N GLY A 122 12.76 18.95 -18.41
CA GLY A 122 12.71 20.41 -18.55
C GLY A 122 11.32 20.95 -18.82
N GLU A 123 10.44 20.10 -19.34
CA GLU A 123 9.06 20.52 -19.62
C GLU A 123 8.31 20.86 -18.35
N ILE A 124 7.35 21.79 -18.48
CA ILE A 124 6.54 22.22 -17.36
C ILE A 124 5.18 21.56 -17.50
N LEU A 125 4.80 20.72 -16.54
CA LEU A 125 3.52 20.03 -16.55
C LEU A 125 2.49 20.89 -15.85
N GLY A 126 1.31 20.96 -16.45
CA GLY A 126 0.20 21.74 -15.91
C GLY A 126 -0.93 20.79 -15.50
N ASP A 127 -1.31 20.85 -14.22
CA ASP A 127 -2.38 19.99 -13.72
C ASP A 127 -3.36 20.87 -12.95
N ASN A 128 -4.51 20.32 -12.62
CA ASN A 128 -5.52 21.03 -11.85
C ASN A 128 -6.00 20.09 -10.78
N THR A 129 -5.70 20.41 -9.52
CA THR A 129 -6.07 19.58 -8.38
C THR A 129 -7.31 19.97 -7.59
N ASP A 130 -7.91 21.11 -7.91
CA ASP A 130 -9.10 21.57 -7.19
C ASP A 130 -10.23 20.52 -7.14
N GLY A 131 -10.57 19.97 -8.30
CA GLY A 131 -11.62 18.98 -8.37
C GLY A 131 -11.39 17.76 -7.51
N GLU A 132 -10.22 17.16 -7.65
CA GLU A 132 -9.88 15.97 -6.89
C GLU A 132 -9.85 16.27 -5.38
N GLY A 133 -9.46 17.50 -5.02
CA GLY A 133 -9.42 17.89 -3.62
C GLY A 133 -10.83 17.83 -3.06
N LEU A 134 -11.78 18.35 -3.83
CA LEU A 134 -13.19 18.32 -3.44
C LEU A 134 -13.66 16.89 -3.27
N VAL A 135 -13.37 16.07 -4.26
CA VAL A 135 -13.78 14.66 -4.25
C VAL A 135 -13.27 13.94 -3.02
N GLN A 136 -11.98 14.06 -2.75
CA GLN A 136 -11.41 13.38 -1.60
C GLN A 136 -11.96 13.87 -0.28
N ASP A 137 -12.32 15.15 -0.21
CA ASP A 137 -12.86 15.71 1.03
C ASP A 137 -14.24 15.10 1.26
N LEU A 138 -15.04 15.03 0.20
CA LEU A 138 -16.38 14.43 0.27
C LEU A 138 -16.27 12.96 0.67
N LEU A 139 -15.38 12.23 0.01
CA LEU A 139 -15.19 10.81 0.32
C LEU A 139 -14.69 10.62 1.75
N ALA A 140 -13.87 11.56 2.23
CA ALA A 140 -13.36 11.47 3.60
C ALA A 140 -14.51 11.67 4.59
N GLN A 141 -15.51 12.45 4.18
CA GLN A 141 -16.69 12.74 5.00
C GLN A 141 -17.79 11.67 4.86
N GLN A 142 -17.46 10.50 4.32
CA GLN A 142 -18.47 9.44 4.13
C GLN A 142 -19.65 9.88 3.28
N VAL A 143 -19.36 10.47 2.11
CA VAL A 143 -20.39 10.89 1.20
C VAL A 143 -20.25 9.98 -0.02
N LEU A 144 -21.34 9.33 -0.40
CA LEU A 144 -21.35 8.42 -1.54
C LEU A 144 -21.61 9.26 -2.77
N LEU A 145 -20.71 9.19 -3.74
CA LEU A 145 -20.86 9.92 -4.98
C LEU A 145 -21.39 9.02 -6.09
N LYS A 146 -20.99 7.75 -6.09
CA LYS A 146 -21.45 6.81 -7.12
C LYS A 146 -22.97 6.64 -7.01
N GLY A 147 -23.65 6.86 -8.12
CA GLY A 147 -25.11 6.74 -8.17
C GLY A 147 -25.88 7.87 -7.47
N ALA A 148 -25.20 8.94 -7.07
CA ALA A 148 -25.84 10.06 -6.38
C ALA A 148 -26.31 11.12 -7.35
N THR A 149 -27.34 11.87 -6.96
CA THR A 149 -27.86 12.95 -7.77
C THR A 149 -27.17 14.19 -7.18
N ILE A 150 -26.44 14.90 -8.02
CA ILE A 150 -25.71 16.08 -7.54
C ILE A 150 -26.17 17.38 -8.17
N LEU A 151 -26.17 18.44 -7.36
CA LEU A 151 -26.53 19.77 -7.82
C LEU A 151 -25.30 20.64 -7.61
N LEU A 152 -24.83 21.24 -8.70
CA LEU A 152 -23.66 22.11 -8.66
C LEU A 152 -24.21 23.52 -8.89
N ILE A 153 -24.10 24.38 -7.89
CA ILE A 153 -24.60 25.74 -7.99
C ILE A 153 -23.46 26.61 -8.47
N GLY A 154 -23.63 27.22 -9.63
CA GLY A 154 -22.63 28.08 -10.22
C GLY A 154 -22.15 27.45 -11.51
N ALA A 155 -21.68 28.28 -12.44
CA ALA A 155 -21.18 27.76 -13.71
C ALA A 155 -20.00 28.57 -14.22
N GLY A 156 -19.10 28.91 -13.31
CA GLY A 156 -17.90 29.67 -13.63
C GLY A 156 -16.73 28.72 -13.53
N GLY A 157 -15.52 29.25 -13.46
CA GLY A 157 -14.30 28.43 -13.34
C GLY A 157 -14.29 27.43 -12.20
N ALA A 158 -14.79 27.83 -11.03
CA ALA A 158 -14.80 26.93 -9.87
C ALA A 158 -15.64 25.71 -10.20
N ALA A 159 -16.83 25.96 -10.71
CA ALA A 159 -17.76 24.91 -11.09
C ALA A 159 -17.15 24.04 -12.18
N ARG A 160 -16.64 24.68 -13.23
CA ARG A 160 -16.06 23.94 -14.34
C ARG A 160 -14.90 23.05 -13.89
N GLY A 161 -14.08 23.54 -12.96
CA GLY A 161 -12.93 22.77 -12.45
C GLY A 161 -13.27 21.51 -11.66
N VAL A 162 -14.50 21.37 -11.16
CA VAL A 162 -14.84 20.18 -10.39
C VAL A 162 -15.66 19.13 -11.18
N LEU A 163 -16.18 19.50 -12.34
CA LEU A 163 -16.99 18.57 -13.14
C LEU A 163 -16.35 17.20 -13.45
N LYS A 164 -15.21 17.19 -14.12
CA LYS A 164 -14.56 15.92 -14.48
C LYS A 164 -14.32 14.97 -13.28
N PRO A 165 -13.62 15.44 -12.25
CA PRO A 165 -13.40 14.54 -11.10
C PRO A 165 -14.71 13.99 -10.50
N LEU A 166 -15.74 14.82 -10.43
CA LEU A 166 -17.03 14.38 -9.90
C LEU A 166 -17.65 13.34 -10.82
N LEU A 167 -17.54 13.56 -12.13
CA LEU A 167 -18.08 12.62 -13.12
C LEU A 167 -17.40 11.27 -13.03
N ASP A 168 -16.09 11.28 -12.72
CA ASP A 168 -15.33 10.05 -12.57
C ASP A 168 -15.89 9.15 -11.46
N GLN A 169 -16.56 9.74 -10.47
CA GLN A 169 -17.12 8.95 -9.38
C GLN A 169 -18.41 8.24 -9.77
N GLN A 170 -18.83 8.41 -11.02
CA GLN A 170 -20.04 7.79 -11.56
C GLN A 170 -21.35 8.11 -10.81
N PRO A 171 -21.67 9.40 -10.69
CA PRO A 171 -22.93 9.75 -10.01
C PRO A 171 -24.10 9.50 -10.97
N ALA A 172 -25.31 9.39 -10.44
CA ALA A 172 -26.49 9.17 -11.28
C ALA A 172 -26.62 10.34 -12.24
N SER A 173 -26.37 11.55 -11.74
CA SER A 173 -26.45 12.76 -12.55
C SER A 173 -25.92 13.99 -11.82
N ILE A 174 -25.60 15.00 -12.60
CA ILE A 174 -25.12 16.27 -12.09
C ILE A 174 -25.89 17.37 -12.79
N THR A 175 -26.61 18.19 -12.02
CA THR A 175 -27.38 19.28 -12.57
C THR A 175 -26.62 20.56 -12.28
N VAL A 176 -26.18 21.24 -13.33
CA VAL A 176 -25.46 22.49 -13.17
C VAL A 176 -26.50 23.56 -13.22
N THR A 177 -26.38 24.54 -12.35
CA THR A 177 -27.36 25.60 -12.32
C THR A 177 -26.67 26.94 -12.17
N ASN A 178 -27.33 28.00 -12.63
CA ASN A 178 -26.77 29.34 -12.59
C ASN A 178 -27.89 30.36 -12.58
N ARG A 179 -27.63 31.57 -12.10
CA ARG A 179 -28.65 32.64 -12.10
C ARG A 179 -29.29 32.67 -13.49
N THR A 180 -28.47 32.95 -14.51
CA THR A 180 -28.94 32.99 -15.88
C THR A 180 -28.76 31.58 -16.48
N PHE A 181 -29.84 31.02 -16.99
CA PHE A 181 -29.82 29.68 -17.58
C PHE A 181 -28.69 29.38 -18.56
N ALA A 182 -28.71 30.01 -19.73
CA ALA A 182 -27.72 29.81 -20.77
C ALA A 182 -26.34 29.37 -20.29
N LYS A 183 -25.75 30.13 -19.38
CA LYS A 183 -24.42 29.83 -18.85
C LYS A 183 -24.33 28.40 -18.31
N ALA A 184 -25.33 28.01 -17.53
CA ALA A 184 -25.36 26.66 -16.95
C ALA A 184 -25.51 25.61 -18.04
N GLU A 185 -26.35 25.92 -19.03
CA GLU A 185 -26.59 24.99 -20.14
C GLU A 185 -25.31 24.84 -20.96
N GLN A 186 -24.58 25.91 -21.11
CA GLN A 186 -23.33 25.88 -21.86
C GLN A 186 -22.27 25.06 -21.14
N LEU A 187 -22.26 25.12 -19.82
CA LEU A 187 -21.29 24.34 -19.07
C LEU A 187 -21.68 22.87 -19.10
N ALA A 188 -22.98 22.60 -19.06
CA ALA A 188 -23.48 21.23 -19.10
C ALA A 188 -23.13 20.58 -20.44
N GLU A 189 -23.38 21.30 -21.54
CA GLU A 189 -23.08 20.79 -22.89
C GLU A 189 -21.59 20.57 -23.12
N LEU A 190 -20.75 21.27 -22.36
CA LEU A 190 -19.30 21.14 -22.48
C LEU A 190 -18.82 19.76 -22.00
N VAL A 191 -19.49 19.21 -20.99
CA VAL A 191 -19.12 17.91 -20.44
C VAL A 191 -20.19 16.82 -20.66
N ALA A 192 -21.25 17.16 -21.39
CA ALA A 192 -22.35 16.25 -21.68
C ALA A 192 -21.92 14.81 -21.99
N ALA A 193 -20.85 14.66 -22.76
CA ALA A 193 -20.36 13.32 -23.12
C ALA A 193 -19.90 12.48 -21.94
N TYR A 194 -19.12 13.08 -21.04
CA TYR A 194 -18.57 12.39 -19.87
C TYR A 194 -19.57 11.95 -18.79
N GLY A 195 -20.87 11.94 -19.08
CA GLY A 195 -21.85 11.53 -18.08
C GLY A 195 -23.22 12.17 -18.21
N GLU A 196 -24.11 11.83 -17.30
CA GLU A 196 -25.46 12.39 -17.31
C GLU A 196 -25.41 13.77 -16.69
N VAL A 197 -25.30 14.79 -17.54
CA VAL A 197 -25.24 16.16 -17.06
C VAL A 197 -26.37 17.01 -17.64
N LYS A 198 -27.14 17.62 -16.77
CA LYS A 198 -28.24 18.49 -17.20
C LYS A 198 -28.12 19.87 -16.59
N ALA A 199 -28.88 20.82 -17.14
CA ALA A 199 -28.85 22.19 -16.66
C ALA A 199 -30.22 22.76 -16.39
N GLN A 200 -30.30 23.57 -15.33
CA GLN A 200 -31.53 24.24 -14.94
C GLN A 200 -31.25 25.59 -14.32
N ALA A 201 -32.21 26.49 -14.45
CA ALA A 201 -32.09 27.82 -13.91
C ALA A 201 -32.58 27.80 -12.47
N PHE A 202 -32.02 28.69 -11.67
CA PHE A 202 -32.37 28.83 -10.26
C PHE A 202 -33.86 28.68 -9.99
N GLU A 203 -34.66 29.43 -10.71
CA GLU A 203 -36.11 29.40 -10.58
C GLU A 203 -36.81 28.09 -10.99
N GLN A 204 -36.07 27.17 -11.60
CA GLN A 204 -36.62 25.88 -12.05
C GLN A 204 -36.35 24.70 -11.11
N LEU A 205 -35.38 24.83 -10.21
CA LEU A 205 -35.04 23.75 -9.27
C LEU A 205 -36.16 23.46 -8.28
N LYS A 206 -36.95 22.43 -8.56
CA LYS A 206 -38.06 22.04 -7.69
C LYS A 206 -38.05 20.58 -7.28
N GLN A 207 -36.92 20.14 -6.75
CA GLN A 207 -36.78 18.78 -6.27
C GLN A 207 -35.53 18.75 -5.42
N SER A 208 -35.45 17.74 -4.58
CA SER A 208 -34.33 17.58 -3.69
C SER A 208 -33.20 16.84 -4.37
N TYR A 209 -31.99 17.02 -3.83
CA TYR A 209 -30.76 16.41 -4.33
C TYR A 209 -29.99 15.77 -3.18
N ASP A 210 -29.29 14.68 -3.49
CA ASP A 210 -28.50 13.94 -2.50
C ASP A 210 -27.32 14.76 -2.03
N VAL A 211 -26.66 15.41 -2.97
CA VAL A 211 -25.49 16.21 -2.70
C VAL A 211 -25.58 17.55 -3.44
N ILE A 212 -25.45 18.65 -2.68
CA ILE A 212 -25.50 20.00 -3.24
C ILE A 212 -24.15 20.69 -3.04
N ILE A 213 -23.57 21.19 -4.12
CA ILE A 213 -22.29 21.86 -4.05
C ILE A 213 -22.38 23.32 -4.48
N ASN A 214 -21.99 24.23 -3.58
CA ASN A 214 -22.03 25.66 -3.86
C ASN A 214 -20.65 26.12 -4.32
N SER A 215 -20.53 26.52 -5.58
CA SER A 215 -19.26 26.97 -6.14
C SER A 215 -19.18 28.48 -6.23
N THR A 216 -20.26 29.18 -5.87
CA THR A 216 -20.29 30.64 -5.96
C THR A 216 -19.61 31.28 -4.76
N SER A 217 -19.47 32.60 -4.81
CA SER A 217 -18.84 33.37 -3.73
C SER A 217 -19.88 34.10 -2.88
N ALA A 218 -21.15 33.93 -3.22
CA ALA A 218 -22.24 34.56 -2.50
C ALA A 218 -22.15 34.40 -0.99
N SER A 219 -21.62 33.27 -0.53
CA SER A 219 -21.50 33.02 0.90
C SER A 219 -20.48 33.96 1.57
N LEU A 220 -19.52 34.48 0.80
CA LEU A 220 -18.52 35.41 1.35
C LEU A 220 -19.14 36.79 1.43
N ASP A 221 -19.89 37.15 0.40
CA ASP A 221 -20.56 38.45 0.32
C ASP A 221 -21.80 38.51 1.21
N GLY A 222 -22.27 37.35 1.68
CA GLY A 222 -23.44 37.30 2.56
C GLY A 222 -24.75 36.95 1.88
N GLU A 223 -24.72 36.64 0.59
CA GLU A 223 -25.97 36.29 -0.08
C GLU A 223 -26.12 34.80 -0.40
N LEU A 224 -27.37 34.41 -0.59
CA LEU A 224 -27.73 33.06 -0.90
C LEU A 224 -28.22 33.10 -2.33
N PRO A 225 -28.13 31.98 -3.03
CA PRO A 225 -28.63 32.02 -4.39
C PRO A 225 -30.16 32.07 -4.41
N ALA A 226 -30.75 32.72 -5.41
CA ALA A 226 -32.20 32.80 -5.50
C ALA A 226 -32.74 31.43 -5.90
N ILE A 227 -32.56 30.47 -5.00
CA ILE A 227 -33.01 29.10 -5.19
C ILE A 227 -33.94 28.70 -4.07
N ASP A 228 -35.07 28.09 -4.43
CA ASP A 228 -36.03 27.67 -3.44
C ASP A 228 -35.37 26.57 -2.59
N PRO A 229 -35.44 26.69 -1.25
CA PRO A 229 -34.81 25.71 -0.36
C PRO A 229 -35.34 24.27 -0.44
N VAL A 230 -36.28 24.02 -1.35
CA VAL A 230 -36.83 22.70 -1.52
C VAL A 230 -35.73 21.73 -2.00
N ILE A 231 -34.66 22.28 -2.56
CA ILE A 231 -33.54 21.44 -3.02
C ILE A 231 -32.93 20.64 -1.88
N PHE A 232 -33.10 21.14 -0.65
CA PHE A 232 -32.58 20.47 0.52
C PHE A 232 -33.63 19.53 1.07
N SER A 233 -33.18 18.40 1.60
CA SER A 233 -34.03 17.38 2.19
C SER A 233 -33.26 16.73 3.35
N SER A 234 -33.93 15.87 4.11
CA SER A 234 -33.32 15.18 5.26
C SER A 234 -32.11 14.32 4.92
N ARG A 235 -31.99 13.98 3.65
CA ARG A 235 -30.96 13.11 3.16
C ARG A 235 -29.83 13.86 2.51
N SER A 236 -30.07 15.10 2.16
CA SER A 236 -29.06 15.92 1.49
C SER A 236 -27.80 16.21 2.27
N VAL A 237 -26.70 16.19 1.52
CA VAL A 237 -25.37 16.50 2.02
C VAL A 237 -25.06 17.79 1.29
N CYS A 238 -24.77 18.84 2.04
N CYS A 238 -24.78 18.84 2.06
CA CYS A 238 -24.48 20.14 1.44
CA CYS A 238 -24.48 20.16 1.51
C CYS A 238 -23.03 20.51 1.62
C CYS A 238 -23.02 20.52 1.63
N TYR A 239 -22.39 20.92 0.53
CA TYR A 239 -20.98 21.29 0.53
C TYR A 239 -20.81 22.71 0.00
N ASP A 240 -20.17 23.58 0.78
CA ASP A 240 -19.94 24.96 0.39
C ASP A 240 -18.45 25.09 0.12
N MET A 241 -18.07 25.68 -1.00
CA MET A 241 -16.65 25.84 -1.28
C MET A 241 -16.00 26.93 -0.45
N MET A 242 -16.79 27.83 0.09
CA MET A 242 -16.22 28.89 0.93
C MET A 242 -16.11 28.30 2.35
N TYR A 243 -15.32 28.95 3.20
CA TYR A 243 -15.12 28.51 4.58
C TYR A 243 -14.88 29.67 5.54
N GLY A 244 -15.07 29.40 6.82
CA GLY A 244 -14.88 30.42 7.85
C GLY A 244 -15.22 29.91 9.23
N LYS A 245 -15.31 30.83 10.19
CA LYS A 245 -15.64 30.49 11.56
C LYS A 245 -17.12 30.08 11.60
N GLY A 246 -17.43 29.02 12.34
CA GLY A 246 -18.81 28.53 12.43
C GLY A 246 -19.25 27.95 11.10
N TYR A 247 -20.56 27.98 10.84
CA TYR A 247 -21.10 27.47 9.58
C TYR A 247 -21.18 28.61 8.57
N THR A 248 -21.01 28.32 7.29
CA THR A 248 -21.12 29.37 6.28
C THR A 248 -22.60 29.70 6.17
N VAL A 249 -22.95 30.84 5.60
CA VAL A 249 -24.37 31.19 5.49
C VAL A 249 -25.11 30.11 4.70
N PHE A 250 -24.50 29.61 3.62
CA PHE A 250 -25.14 28.60 2.80
C PHE A 250 -25.42 27.33 3.60
N ASN A 251 -24.50 26.99 4.52
CA ASN A 251 -24.67 25.81 5.35
C ASN A 251 -25.71 26.01 6.44
N GLN A 252 -25.83 27.24 6.94
CA GLN A 252 -26.82 27.54 7.96
C GLN A 252 -28.18 27.40 7.30
N TRP A 253 -28.25 27.87 6.07
CA TRP A 253 -29.45 27.81 5.28
C TRP A 253 -29.82 26.34 5.04
N ALA A 254 -28.82 25.53 4.74
CA ALA A 254 -29.06 24.11 4.50
C ALA A 254 -29.60 23.48 5.78
N ARG A 255 -28.97 23.79 6.92
CA ARG A 255 -29.41 23.24 8.21
C ARG A 255 -30.83 23.65 8.56
N GLN A 256 -31.25 24.85 8.16
CA GLN A 256 -32.62 25.30 8.44
C GLN A 256 -33.62 24.35 7.81
N HIS A 257 -33.27 23.83 6.64
CA HIS A 257 -34.15 22.93 5.92
C HIS A 257 -33.87 21.44 6.15
N GLY A 258 -33.19 21.16 7.26
CA GLY A 258 -32.86 19.81 7.68
C GLY A 258 -31.92 18.94 6.87
N CYS A 259 -30.85 19.50 6.32
CA CYS A 259 -29.95 18.67 5.56
C CYS A 259 -29.30 17.73 6.56
N ALA A 260 -28.84 16.58 6.08
CA ALA A 260 -28.21 15.58 6.93
C ALA A 260 -26.76 15.92 7.28
N GLN A 261 -26.09 16.68 6.41
CA GLN A 261 -24.69 17.01 6.67
C GLN A 261 -24.27 18.25 5.89
N ALA A 262 -23.66 19.20 6.59
CA ALA A 262 -23.19 20.45 6.00
C ALA A 262 -21.69 20.50 6.14
N ILE A 263 -21.00 20.77 5.04
CA ILE A 263 -19.56 20.80 5.05
C ILE A 263 -19.04 22.06 4.37
N ASP A 264 -17.97 22.65 4.90
CA ASP A 264 -17.42 23.86 4.28
C ASP A 264 -16.21 23.44 3.44
N GLY A 265 -15.65 24.39 2.71
CA GLY A 265 -14.53 24.11 1.84
C GLY A 265 -13.12 24.05 2.35
N LEU A 266 -12.94 24.08 3.66
CA LEU A 266 -11.59 24.02 4.20
C LEU A 266 -10.90 22.73 3.76
N GLY A 267 -11.65 21.62 3.71
CA GLY A 267 -11.12 20.33 3.28
C GLY A 267 -10.70 20.35 1.82
N MET A 268 -11.44 21.06 0.99
CA MET A 268 -11.12 21.16 -0.45
C MET A 268 -9.75 21.82 -0.61
N LEU A 269 -9.53 22.88 0.16
CA LEU A 269 -8.28 23.62 0.14
C LEU A 269 -7.09 22.69 0.51
N VAL A 270 -7.22 21.98 1.62
CA VAL A 270 -6.15 21.07 2.05
C VAL A 270 -6.01 19.88 1.09
N GLY A 271 -7.16 19.40 0.60
CA GLY A 271 -7.20 18.29 -0.34
C GLY A 271 -6.49 18.61 -1.64
N GLN A 272 -6.78 19.76 -2.24
CA GLN A 272 -6.12 20.14 -3.51
C GLN A 272 -4.63 20.30 -3.25
N ALA A 273 -4.30 20.73 -2.04
CA ALA A 273 -2.90 20.91 -1.66
C ALA A 273 -2.20 19.56 -1.63
N ALA A 274 -2.86 18.57 -1.03
CA ALA A 274 -2.30 17.22 -0.91
C ALA A 274 -2.03 16.59 -2.27
N GLU A 275 -2.94 16.79 -3.22
CA GLU A 275 -2.79 16.24 -4.57
C GLU A 275 -1.57 16.83 -5.25
N SER A 276 -1.43 18.15 -5.14
CA SER A 276 -0.31 18.86 -5.74
C SER A 276 0.99 18.38 -5.11
N PHE A 277 0.98 18.28 -3.78
CA PHE A 277 2.15 17.84 -3.03
C PHE A 277 2.60 16.47 -3.54
N MET A 278 1.65 15.53 -3.67
CA MET A 278 1.96 14.19 -4.16
C MET A 278 2.54 14.26 -5.56
N LEU A 279 1.85 14.98 -6.44
CA LEU A 279 2.31 15.13 -7.79
C LEU A 279 3.76 15.55 -7.81
N TRP A 280 4.13 16.49 -6.94
CA TRP A 280 5.50 16.96 -6.91
C TRP A 280 6.49 16.10 -6.19
N ARG A 281 6.11 15.62 -5.02
CA ARG A 281 7.00 14.81 -4.18
C ARG A 281 6.88 13.29 -4.29
N GLY A 282 5.86 12.81 -4.97
CA GLY A 282 5.69 11.37 -5.13
C GLY A 282 5.18 10.66 -3.87
N LEU A 283 4.76 11.44 -2.88
CA LEU A 283 4.25 10.91 -1.62
C LEU A 283 3.00 11.70 -1.27
N ARG A 284 2.07 11.08 -0.55
CA ARG A 284 0.86 11.78 -0.16
C ARG A 284 0.94 12.09 1.32
N PRO A 285 0.69 13.34 1.72
CA PRO A 285 0.74 13.70 3.12
C PRO A 285 -0.66 13.63 3.72
N GLY A 286 -0.76 13.37 5.02
CA GLY A 286 -2.07 13.29 5.67
C GLY A 286 -2.69 14.68 5.77
N THR A 287 -4.01 14.75 5.87
CA THR A 287 -4.68 16.05 5.95
C THR A 287 -5.50 16.37 7.20
N LYS A 288 -5.89 15.38 7.99
CA LYS A 288 -6.71 15.64 9.18
C LYS A 288 -6.12 16.50 10.29
N GLN A 289 -4.87 16.29 10.64
CA GLN A 289 -4.26 17.11 11.70
C GLN A 289 -4.07 18.55 11.20
N ILE A 290 -3.70 18.69 9.94
CA ILE A 290 -3.51 19.99 9.34
C ILE A 290 -4.85 20.73 9.31
N LEU A 291 -5.87 20.01 8.87
CA LEU A 291 -7.22 20.55 8.76
C LEU A 291 -7.75 20.94 10.14
N ARG A 292 -7.38 20.18 11.16
CA ARG A 292 -7.83 20.47 12.52
C ARG A 292 -7.15 21.75 13.03
N GLU A 293 -5.87 21.94 12.75
CA GLU A 293 -5.16 23.16 13.18
C GLU A 293 -5.71 24.40 12.51
N LEU A 294 -5.98 24.31 11.22
CA LEU A 294 -6.53 25.45 10.49
C LEU A 294 -7.87 25.84 11.09
N ARG A 295 -8.68 24.83 11.42
CA ARG A 295 -9.99 25.07 12.01
C ARG A 295 -9.79 25.88 13.28
N LYS A 296 -8.81 25.49 14.09
CA LYS A 296 -8.52 26.19 15.35
C LYS A 296 -8.18 27.66 15.10
N ASN A 297 -7.41 27.94 14.06
CA ASN A 297 -7.06 29.31 13.74
C ASN A 297 -8.33 30.08 13.32
N LEU A 298 -9.16 29.45 12.48
CA LEU A 298 -10.40 30.08 12.02
C LEU A 298 -11.33 30.43 13.17
N GLU A 299 -11.50 29.50 14.10
CA GLU A 299 -12.37 29.72 15.24
C GLU A 299 -11.79 30.74 16.22
N GLY A 300 -10.96 31.66 15.71
CA GLY A 300 -10.33 32.69 16.52
C GLY A 300 -9.22 32.12 17.39
N ILE B 29 10.14 -43.63 -3.92
CA ILE B 29 9.14 -42.52 -4.04
C ILE B 29 8.84 -41.87 -2.71
N ASP B 30 9.35 -40.64 -2.53
CA ASP B 30 9.17 -39.89 -1.30
C ASP B 30 7.78 -39.23 -1.24
N GLN B 31 7.09 -39.45 -0.12
CA GLN B 31 5.74 -38.91 0.11
C GLN B 31 5.72 -37.52 0.77
N TYR B 32 4.92 -36.63 0.21
CA TYR B 32 4.77 -35.27 0.74
C TYR B 32 3.30 -34.96 0.73
N ALA B 33 2.87 -34.02 1.55
CA ALA B 33 1.47 -33.68 1.58
C ALA B 33 1.18 -32.30 2.13
N VAL B 34 -0.09 -31.94 2.10
CA VAL B 34 -0.57 -30.69 2.63
C VAL B 34 -1.76 -31.09 3.49
N PHE B 35 -1.75 -30.69 4.74
CA PHE B 35 -2.86 -30.98 5.64
C PHE B 35 -3.71 -29.73 5.72
N GLY B 36 -5.02 -29.89 5.66
CA GLY B 36 -5.90 -28.72 5.72
C GLY B 36 -7.37 -29.09 5.82
N ASN B 37 -8.20 -28.07 6.01
CA ASN B 37 -9.64 -28.26 6.11
C ASN B 37 -10.30 -27.66 4.86
N HIS B 41 -9.81 -25.56 -0.77
CA HIS B 41 -9.24 -26.61 -1.61
C HIS B 41 -7.86 -26.21 -2.15
N SER B 42 -6.83 -26.91 -1.68
CA SER B 42 -5.45 -26.63 -2.06
C SER B 42 -5.01 -26.90 -3.50
N LYS B 43 -4.10 -26.05 -3.97
CA LYS B 43 -3.52 -26.13 -5.30
C LYS B 43 -2.08 -26.63 -5.17
N SER B 44 -1.64 -26.86 -3.94
CA SER B 44 -0.28 -27.32 -3.68
C SER B 44 0.09 -28.63 -4.41
N PRO B 45 -0.83 -29.63 -4.39
CA PRO B 45 -0.51 -30.87 -5.08
C PRO B 45 -0.21 -30.60 -6.54
N PHE B 46 -1.00 -29.73 -7.15
CA PHE B 46 -0.80 -29.36 -8.55
C PHE B 46 0.56 -28.68 -8.69
N ILE B 47 0.82 -27.73 -7.79
CA ILE B 47 2.06 -26.97 -7.80
C ILE B 47 3.28 -27.86 -7.59
N HIS B 48 3.29 -28.66 -6.53
CA HIS B 48 4.45 -29.52 -6.28
C HIS B 48 4.64 -30.64 -7.28
N THR B 49 3.54 -31.11 -7.87
CA THR B 49 3.64 -32.19 -8.86
C THR B 49 4.38 -31.68 -10.09
N LEU B 50 4.08 -30.44 -10.47
CA LEU B 50 4.74 -29.83 -11.61
C LEU B 50 6.18 -29.49 -11.23
N PHE B 51 6.44 -29.03 -10.01
CA PHE B 51 7.82 -28.75 -9.64
C PHE B 51 8.61 -30.05 -9.76
N ALA B 52 8.04 -31.12 -9.20
CA ALA B 52 8.68 -32.43 -9.23
C ALA B 52 9.01 -32.86 -10.65
N ARG B 53 8.10 -32.56 -11.57
CA ARG B 53 8.29 -32.92 -12.97
C ARG B 53 9.39 -32.12 -13.66
N GLN B 54 9.43 -30.80 -13.48
CA GLN B 54 10.45 -29.99 -14.14
C GLN B 54 11.85 -30.29 -13.58
N THR B 55 11.91 -30.71 -12.32
CA THR B 55 13.18 -31.03 -11.67
C THR B 55 13.39 -32.54 -11.52
N GLN B 56 12.65 -33.31 -12.30
CA GLN B 56 12.74 -34.78 -12.30
C GLN B 56 12.86 -35.43 -10.92
N GLN B 57 12.21 -34.87 -9.91
CA GLN B 57 12.26 -35.41 -8.55
C GLN B 57 11.30 -36.59 -8.37
N SER B 58 11.81 -37.66 -7.77
CA SER B 58 10.99 -38.85 -7.52
C SER B 58 10.19 -38.64 -6.24
N MET B 59 9.01 -38.04 -6.39
CA MET B 59 8.14 -37.75 -5.26
C MET B 59 6.67 -37.63 -5.63
N ILE B 60 5.82 -37.81 -4.64
CA ILE B 60 4.38 -37.71 -4.84
C ILE B 60 3.87 -36.80 -3.73
N TYR B 61 3.03 -35.85 -4.11
CA TYR B 61 2.48 -34.89 -3.15
C TYR B 61 0.96 -35.02 -3.17
N THR B 62 0.33 -35.11 -1.99
CA THR B 62 -1.11 -35.26 -1.94
C THR B 62 -1.77 -34.26 -0.97
N ALA B 63 -3.09 -34.15 -1.05
CA ALA B 63 -3.85 -33.27 -0.17
C ALA B 63 -4.57 -34.20 0.79
N GLN B 64 -4.31 -34.06 2.07
CA GLN B 64 -4.93 -34.90 3.07
C GLN B 64 -5.72 -34.06 4.05
N CYS B 65 -6.89 -34.58 4.43
CA CYS B 65 -7.77 -33.92 5.35
C CYS B 65 -7.31 -34.17 6.76
N VAL B 66 -7.53 -33.20 7.64
CA VAL B 66 -7.18 -33.38 9.04
C VAL B 66 -8.47 -34.01 9.59
N PRO B 67 -8.40 -35.28 10.05
CA PRO B 67 -9.59 -35.98 10.57
C PRO B 67 -10.03 -35.59 11.99
N VAL B 68 -11.11 -36.21 12.44
CA VAL B 68 -11.70 -35.95 13.77
C VAL B 68 -10.72 -35.99 14.94
N ASP B 69 -9.69 -36.82 14.84
CA ASP B 69 -8.71 -36.92 15.93
C ASP B 69 -7.52 -35.96 15.82
N GLY B 70 -7.80 -34.77 15.28
CA GLY B 70 -6.80 -33.72 15.12
C GLY B 70 -5.61 -33.88 14.20
N PHE B 71 -4.92 -32.75 14.02
CA PHE B 71 -3.74 -32.65 13.18
C PHE B 71 -2.54 -33.43 13.68
N THR B 72 -2.21 -33.26 14.96
CA THR B 72 -1.06 -33.96 15.55
C THR B 72 -1.08 -35.45 15.25
N GLU B 73 -2.22 -36.09 15.47
CA GLU B 73 -2.33 -37.52 15.21
C GLU B 73 -2.19 -37.83 13.72
N ALA B 74 -2.67 -36.94 12.87
CA ALA B 74 -2.57 -37.14 11.43
C ALA B 74 -1.09 -37.03 11.07
N ALA B 75 -0.46 -35.98 11.61
CA ALA B 75 0.95 -35.73 11.37
C ALA B 75 1.80 -36.93 11.78
N LYS B 76 1.68 -37.41 13.03
CA LYS B 76 2.45 -38.56 13.46
C LYS B 76 2.28 -39.76 12.56
N HIS B 77 1.03 -40.07 12.23
CA HIS B 77 0.72 -41.22 11.38
C HIS B 77 1.35 -41.09 9.98
N PHE B 78 1.50 -39.86 9.50
CA PHE B 78 2.09 -39.60 8.18
C PHE B 78 3.58 -39.87 8.15
N PHE B 79 4.30 -39.44 9.19
CA PHE B 79 5.74 -39.65 9.26
C PHE B 79 6.09 -41.09 9.62
N ALA B 80 5.18 -41.75 10.35
CA ALA B 80 5.37 -43.14 10.74
C ALA B 80 5.32 -43.95 9.46
N GLN B 81 4.31 -43.68 8.62
CA GLN B 81 4.16 -44.36 7.34
C GLN B 81 5.31 -44.09 6.37
N GLY B 82 6.22 -43.18 6.70
CA GLY B 82 7.36 -42.89 5.83
C GLY B 82 7.34 -41.57 5.08
N GLY B 83 6.40 -40.69 5.41
CA GLY B 83 6.29 -39.39 4.74
C GLY B 83 7.53 -38.57 5.08
N ARG B 84 8.02 -37.80 4.12
CA ARG B 84 9.22 -36.99 4.36
C ARG B 84 8.91 -35.55 4.75
N GLY B 85 7.80 -35.01 4.28
CA GLY B 85 7.45 -33.64 4.63
C GLY B 85 6.05 -33.24 4.22
N CYS B 86 5.58 -32.13 4.80
CA CYS B 86 4.25 -31.65 4.47
C CYS B 86 4.06 -30.17 4.77
N ASN B 87 3.09 -29.59 4.07
CA ASN B 87 2.72 -28.21 4.26
C ASN B 87 1.53 -28.24 5.21
N VAL B 88 1.34 -27.16 5.95
CA VAL B 88 0.25 -27.08 6.90
C VAL B 88 -0.44 -25.76 6.66
N THR B 89 -1.75 -25.83 6.45
CA THR B 89 -2.56 -24.65 6.18
C THR B 89 -3.28 -24.19 7.44
N VAL B 90 -3.74 -22.95 7.46
CA VAL B 90 -4.44 -22.45 8.62
C VAL B 90 -5.70 -23.32 8.74
N PRO B 91 -6.23 -23.49 9.96
CA PRO B 91 -5.75 -22.96 11.23
C PRO B 91 -4.97 -24.00 12.03
N PHE B 92 -4.03 -24.69 11.39
CA PHE B 92 -3.22 -25.70 12.07
C PHE B 92 -1.75 -25.34 12.16
N LYS B 93 -1.37 -24.14 11.73
CA LYS B 93 0.04 -23.75 11.77
C LYS B 93 0.67 -23.70 13.16
N GLU B 94 -0.08 -23.24 14.14
CA GLU B 94 0.43 -23.14 15.49
C GLU B 94 0.53 -24.53 16.12
N GLU B 95 -0.33 -25.46 15.72
CA GLU B 95 -0.27 -26.81 16.26
C GLU B 95 0.93 -27.50 15.60
N ALA B 96 1.29 -27.05 14.39
CA ALA B 96 2.44 -27.61 13.68
C ALA B 96 3.71 -27.08 14.36
N TYR B 97 3.62 -25.87 14.90
CA TYR B 97 4.70 -25.22 15.62
C TYR B 97 5.08 -26.11 16.81
N ARG B 98 4.08 -26.47 17.60
N ARG B 98 4.08 -26.45 17.61
CA ARG B 98 4.28 -27.31 18.78
CA ARG B 98 4.26 -27.32 18.78
C ARG B 98 4.64 -28.75 18.44
C ARG B 98 4.57 -28.77 18.46
N PHE B 99 4.19 -29.23 17.29
CA PHE B 99 4.46 -30.60 16.87
C PHE B 99 5.95 -30.84 16.54
N ALA B 100 6.59 -29.85 15.93
CA ALA B 100 8.00 -29.95 15.55
C ALA B 100 8.98 -30.08 16.71
N ASP B 101 10.04 -30.86 16.47
CA ASP B 101 11.11 -31.11 17.44
C ASP B 101 12.08 -29.94 17.39
N ARG B 102 12.33 -29.44 16.18
CA ARG B 102 13.23 -28.30 15.97
C ARG B 102 12.54 -27.30 15.08
N LEU B 103 12.82 -26.02 15.31
CA LEU B 103 12.23 -24.93 14.57
C LEU B 103 13.29 -23.99 13.99
N THR B 104 13.08 -23.55 12.74
CA THR B 104 14.01 -22.62 12.11
C THR B 104 13.73 -21.29 12.81
N GLU B 105 14.66 -20.34 12.73
CA GLU B 105 14.45 -19.07 13.39
C GLU B 105 13.23 -18.34 12.82
N ARG B 106 13.06 -18.36 11.51
CA ARG B 106 11.90 -17.68 10.92
C ARG B 106 10.59 -18.30 11.40
N ALA B 107 10.60 -19.59 11.74
CA ALA B 107 9.40 -20.24 12.24
C ALA B 107 9.22 -19.77 13.72
N ARG B 108 10.34 -19.53 14.40
CA ARG B 108 10.35 -19.07 15.78
C ARG B 108 9.73 -17.67 15.85
N LEU B 109 10.14 -16.81 14.93
CA LEU B 109 9.63 -15.45 14.89
C LEU B 109 8.16 -15.43 14.48
N ALA B 110 7.79 -16.27 13.51
CA ALA B 110 6.39 -16.33 13.06
C ALA B 110 5.50 -16.91 14.14
N GLY B 111 6.01 -17.82 14.94
CA GLY B 111 5.21 -18.44 15.99
C GLY B 111 4.20 -19.36 15.32
N ALA B 112 4.52 -19.79 14.10
CA ALA B 112 3.65 -20.65 13.33
C ALA B 112 4.48 -21.38 12.29
N VAL B 113 4.04 -22.59 11.96
CA VAL B 113 4.72 -23.44 10.99
C VAL B 113 3.82 -23.92 9.87
N ASN B 114 4.28 -23.74 8.62
CA ASN B 114 3.51 -24.20 7.48
C ASN B 114 4.26 -25.30 6.74
N THR B 115 5.45 -25.65 7.22
CA THR B 115 6.24 -26.67 6.54
C THR B 115 7.02 -27.57 7.49
N LEU B 116 6.69 -28.86 7.50
CA LEU B 116 7.38 -29.85 8.32
C LEU B 116 8.30 -30.69 7.43
N LYS B 117 9.47 -31.03 7.96
CA LYS B 117 10.45 -31.83 7.23
C LYS B 117 11.12 -32.83 8.14
N LYS B 118 11.08 -34.10 7.77
CA LYS B 118 11.71 -35.14 8.55
C LYS B 118 13.18 -35.20 8.17
N LEU B 119 14.06 -35.06 9.16
CA LEU B 119 15.50 -35.07 8.94
C LEU B 119 16.10 -36.48 9.08
N ASP B 120 17.41 -36.56 8.86
CA ASP B 120 18.17 -37.82 8.93
C ASP B 120 18.04 -38.56 10.26
N ASP B 121 18.23 -37.84 11.37
CA ASP B 121 18.14 -38.45 12.69
C ASP B 121 16.70 -38.70 13.19
N GLY B 122 15.73 -38.57 12.30
CA GLY B 122 14.32 -38.79 12.66
C GLY B 122 13.56 -37.59 13.18
N GLU B 123 14.27 -36.53 13.59
CA GLU B 123 13.59 -35.34 14.08
C GLU B 123 12.81 -34.60 13.02
N ILE B 124 11.68 -34.03 13.44
CA ILE B 124 10.81 -33.28 12.56
C ILE B 124 11.14 -31.80 12.66
N LEU B 125 11.50 -31.21 11.52
CA LEU B 125 11.84 -29.81 11.46
C LEU B 125 10.65 -28.99 11.04
N GLY B 126 10.45 -27.88 11.74
CA GLY B 126 9.35 -26.99 11.43
C GLY B 126 9.91 -25.67 10.97
N ASP B 127 9.47 -25.22 9.79
CA ASP B 127 9.90 -23.95 9.23
C ASP B 127 8.62 -23.25 8.76
N ASN B 128 8.76 -22.00 8.33
CA ASN B 128 7.64 -21.22 7.84
C ASN B 128 8.14 -20.52 6.60
N THR B 129 7.52 -20.81 5.46
CA THR B 129 7.93 -20.24 4.18
C THR B 129 6.98 -19.21 3.56
N ASP B 130 5.88 -18.92 4.25
CA ASP B 130 4.92 -17.93 3.76
C ASP B 130 5.59 -16.59 3.50
N GLY B 131 6.27 -16.07 4.52
CA GLY B 131 6.93 -14.79 4.42
C GLY B 131 7.90 -14.70 3.27
N GLU B 132 8.71 -15.75 3.09
CA GLU B 132 9.70 -15.78 2.02
C GLU B 132 9.02 -15.89 0.66
N GLY B 133 7.83 -16.49 0.64
CA GLY B 133 7.07 -16.64 -0.60
C GLY B 133 6.64 -15.27 -1.04
N LEU B 134 6.20 -14.46 -0.09
CA LEU B 134 5.76 -13.11 -0.37
C LEU B 134 6.89 -12.27 -0.98
N VAL B 135 8.04 -12.22 -0.29
CA VAL B 135 9.17 -11.45 -0.75
C VAL B 135 9.56 -11.79 -2.19
N GLN B 136 9.65 -13.09 -2.49
CA GLN B 136 10.02 -13.53 -3.85
C GLN B 136 8.96 -13.12 -4.90
N ASP B 137 7.69 -13.14 -4.54
CA ASP B 137 6.66 -12.76 -5.49
C ASP B 137 6.86 -11.27 -5.75
N LEU B 138 7.14 -10.49 -4.70
CA LEU B 138 7.37 -9.06 -4.85
C LEU B 138 8.54 -8.80 -5.77
N LEU B 139 9.69 -9.39 -5.45
CA LEU B 139 10.88 -9.20 -6.28
C LEU B 139 10.61 -9.74 -7.69
N ALA B 140 9.84 -10.81 -7.78
CA ALA B 140 9.50 -11.38 -9.09
C ALA B 140 8.69 -10.37 -9.90
N GLN B 141 7.84 -9.60 -9.19
CA GLN B 141 6.98 -8.56 -9.80
C GLN B 141 7.74 -7.24 -10.02
N GLN B 142 9.06 -7.27 -9.85
CA GLN B 142 9.92 -6.08 -10.04
C GLN B 142 9.62 -4.94 -9.07
N VAL B 143 9.18 -5.30 -7.88
CA VAL B 143 8.89 -4.32 -6.84
C VAL B 143 10.19 -4.11 -6.04
N LEU B 144 10.63 -2.86 -5.99
CA LEU B 144 11.87 -2.48 -5.29
C LEU B 144 11.68 -2.37 -3.78
N LEU B 145 12.10 -3.39 -3.04
CA LEU B 145 11.98 -3.40 -1.58
C LEU B 145 13.16 -2.69 -0.89
N LYS B 146 14.32 -2.70 -1.56
CA LYS B 146 15.55 -2.08 -1.04
C LYS B 146 15.37 -0.57 -0.82
N GLY B 147 15.32 -0.17 0.45
CA GLY B 147 15.15 1.24 0.81
C GLY B 147 13.78 1.80 0.51
N ALA B 148 12.74 0.98 0.71
CA ALA B 148 11.36 1.38 0.47
C ALA B 148 10.62 1.49 1.79
N THR B 149 9.52 2.24 1.79
CA THR B 149 8.71 2.40 2.98
C THR B 149 7.65 1.31 2.85
N ILE B 150 7.49 0.50 3.88
CA ILE B 150 6.54 -0.59 3.85
C ILE B 150 5.52 -0.54 4.96
N LEU B 151 4.26 -0.75 4.59
CA LEU B 151 3.17 -0.75 5.55
C LEU B 151 2.61 -2.16 5.60
N LEU B 152 2.58 -2.75 6.79
CA LEU B 152 2.06 -4.10 6.94
C LEU B 152 0.78 -3.97 7.72
N ILE B 153 -0.32 -4.32 7.06
CA ILE B 153 -1.65 -4.27 7.64
C ILE B 153 -1.97 -5.64 8.18
N GLY B 154 -2.17 -5.71 9.50
CA GLY B 154 -2.49 -6.96 10.19
C GLY B 154 -1.44 -7.29 11.23
N ALA B 155 -1.86 -8.01 12.27
CA ALA B 155 -0.94 -8.39 13.34
C ALA B 155 -1.23 -9.81 13.80
N GLY B 156 -1.52 -10.69 12.85
CA GLY B 156 -1.81 -12.10 13.14
C GLY B 156 -0.66 -12.95 12.61
N GLY B 157 -0.85 -14.27 12.58
CA GLY B 157 0.17 -15.18 12.10
C GLY B 157 0.67 -14.85 10.70
N ALA B 158 -0.22 -14.31 9.87
CA ALA B 158 0.14 -13.96 8.51
C ALA B 158 1.19 -12.85 8.52
N ALA B 159 0.88 -11.77 9.22
CA ALA B 159 1.80 -10.64 9.30
C ALA B 159 3.08 -11.02 10.05
N ARG B 160 2.91 -11.64 11.21
CA ARG B 160 4.03 -12.05 12.04
C ARG B 160 5.01 -12.94 11.27
N GLY B 161 4.51 -13.74 10.34
CA GLY B 161 5.35 -14.63 9.56
C GLY B 161 6.09 -13.99 8.41
N VAL B 162 5.77 -12.74 8.06
CA VAL B 162 6.44 -12.08 6.93
C VAL B 162 7.42 -10.95 7.28
N LEU B 163 7.45 -10.51 8.52
CA LEU B 163 8.36 -9.42 8.91
C LEU B 163 9.84 -9.68 8.72
N LYS B 164 10.37 -10.80 9.21
CA LYS B 164 11.80 -11.07 9.07
C LYS B 164 12.23 -11.11 7.60
N PRO B 165 11.56 -11.94 6.78
CA PRO B 165 11.95 -11.97 5.38
C PRO B 165 11.96 -10.57 4.74
N LEU B 166 10.97 -9.74 5.08
CA LEU B 166 10.93 -8.38 4.54
C LEU B 166 12.13 -7.57 5.03
N LEU B 167 12.42 -7.64 6.33
CA LEU B 167 13.55 -6.91 6.89
C LEU B 167 14.84 -7.26 6.15
N ASP B 168 15.02 -8.55 5.85
CA ASP B 168 16.21 -9.01 5.15
C ASP B 168 16.44 -8.25 3.84
N GLN B 169 15.37 -7.70 3.26
CA GLN B 169 15.48 -6.97 2.01
C GLN B 169 15.94 -5.52 2.25
N GLN B 170 16.26 -5.21 3.51
CA GLN B 170 16.74 -3.89 3.90
C GLN B 170 15.83 -2.74 3.45
N PRO B 171 14.60 -2.71 3.99
CA PRO B 171 13.70 -1.62 3.62
C PRO B 171 14.01 -0.39 4.48
N ALA B 172 13.69 0.80 3.96
CA ALA B 172 13.94 2.02 4.71
C ALA B 172 13.26 1.85 6.07
N SER B 173 12.07 1.25 6.03
CA SER B 173 11.30 1.01 7.25
C SER B 173 10.03 0.22 6.97
N ILE B 174 9.54 -0.45 8.01
CA ILE B 174 8.33 -1.23 7.94
C ILE B 174 7.45 -0.75 9.06
N THR B 175 6.22 -0.39 8.72
CA THR B 175 5.28 0.09 9.68
C THR B 175 4.15 -0.91 9.82
N VAL B 176 4.14 -1.62 10.94
CA VAL B 176 3.10 -2.61 11.19
C VAL B 176 1.93 -1.86 11.78
N THR B 177 0.73 -2.14 11.29
CA THR B 177 -0.47 -1.45 11.77
C THR B 177 -1.62 -2.44 11.97
N ASN B 178 -2.47 -2.14 12.93
CA ASN B 178 -3.62 -2.99 13.24
C ASN B 178 -4.66 -2.08 13.88
N ARG B 179 -5.93 -2.52 13.99
CA ARG B 179 -6.94 -1.65 14.59
C ARG B 179 -6.53 -1.26 16.01
N THR B 180 -6.01 -2.21 16.78
CA THR B 180 -5.56 -1.92 18.12
C THR B 180 -4.03 -1.84 18.08
N PHE B 181 -3.53 -0.62 18.25
CA PHE B 181 -2.10 -0.30 18.25
C PHE B 181 -1.18 -1.26 19.01
N ALA B 182 -1.56 -1.60 20.24
CA ALA B 182 -0.75 -2.50 21.07
C ALA B 182 -0.29 -3.77 20.33
N LYS B 183 -1.20 -4.43 19.64
CA LYS B 183 -0.87 -5.66 18.89
C LYS B 183 0.25 -5.41 17.89
N ALA B 184 0.18 -4.29 17.17
CA ALA B 184 1.19 -3.95 16.19
C ALA B 184 2.55 -3.67 16.85
N GLU B 185 2.53 -2.94 17.97
CA GLU B 185 3.75 -2.60 18.69
C GLU B 185 4.40 -3.89 19.19
N GLN B 186 3.58 -4.74 19.79
CA GLN B 186 4.02 -6.02 20.32
C GLN B 186 4.81 -6.74 19.24
N LEU B 187 4.31 -6.65 18.03
CA LEU B 187 4.93 -7.28 16.88
C LEU B 187 6.14 -6.50 16.35
N ALA B 188 6.17 -5.19 16.58
CA ALA B 188 7.27 -4.34 16.11
C ALA B 188 8.57 -4.59 16.87
N GLU B 189 8.47 -4.74 18.19
CA GLU B 189 9.65 -4.98 19.01
C GLU B 189 10.16 -6.40 18.77
N LEU B 190 9.26 -7.28 18.38
CA LEU B 190 9.61 -8.66 18.10
C LEU B 190 10.85 -8.72 17.22
N VAL B 191 10.86 -7.90 16.17
CA VAL B 191 11.97 -7.85 15.23
C VAL B 191 12.73 -6.52 15.25
N ALA B 192 12.39 -5.64 16.18
CA ALA B 192 13.06 -4.34 16.28
C ALA B 192 14.56 -4.48 16.14
N ALA B 193 15.12 -5.59 16.62
CA ALA B 193 16.56 -5.83 16.53
C ALA B 193 16.99 -6.11 15.08
N TYR B 194 16.05 -6.53 14.23
CA TYR B 194 16.34 -6.83 12.82
C TYR B 194 15.92 -5.69 11.88
N GLY B 195 16.36 -4.47 12.17
CA GLY B 195 16.02 -3.33 11.32
C GLY B 195 15.06 -2.32 11.94
N GLU B 196 14.83 -1.23 11.21
CA GLU B 196 13.95 -0.17 11.69
C GLU B 196 12.49 -0.47 11.43
N VAL B 197 11.78 -0.90 12.48
CA VAL B 197 10.38 -1.22 12.39
C VAL B 197 9.52 -0.37 13.32
N LYS B 198 8.68 0.49 12.73
CA LYS B 198 7.79 1.35 13.49
C LYS B 198 6.45 0.64 13.64
N ALA B 199 5.54 1.23 14.40
CA ALA B 199 4.22 0.64 14.61
C ALA B 199 3.19 1.75 14.87
N GLN B 200 2.06 1.70 14.17
CA GLN B 200 0.99 2.69 14.34
C GLN B 200 -0.43 2.14 14.20
N ALA B 201 -1.36 2.80 14.87
CA ALA B 201 -2.78 2.42 14.83
C ALA B 201 -3.35 3.00 13.55
N PHE B 202 -4.44 2.43 13.05
CA PHE B 202 -4.99 2.93 11.80
C PHE B 202 -5.16 4.46 11.81
N GLU B 203 -5.89 4.98 12.79
CA GLU B 203 -6.16 6.42 12.93
C GLU B 203 -4.95 7.34 12.86
N GLN B 204 -3.77 6.86 13.24
CA GLN B 204 -2.55 7.68 13.22
C GLN B 204 -1.79 7.70 11.90
N LEU B 205 -2.14 6.84 10.96
CA LEU B 205 -1.47 6.81 9.65
C LEU B 205 -1.69 8.16 8.99
N LYS B 206 -0.65 8.75 8.44
CA LYS B 206 -0.82 10.06 7.81
C LYS B 206 0.11 10.32 6.63
N GLN B 207 0.39 9.28 5.85
CA GLN B 207 1.25 9.42 4.69
C GLN B 207 1.10 8.20 3.81
N SER B 208 1.64 8.27 2.61
CA SER B 208 1.57 7.15 1.68
C SER B 208 2.84 6.32 1.81
N TYR B 209 2.70 5.02 1.57
CA TYR B 209 3.81 4.08 1.66
C TYR B 209 4.12 3.51 0.28
N ASP B 210 5.39 3.20 0.04
CA ASP B 210 5.80 2.64 -1.24
C ASP B 210 5.12 1.29 -1.45
N VAL B 211 5.11 0.47 -0.40
CA VAL B 211 4.48 -0.85 -0.47
C VAL B 211 3.53 -1.07 0.69
N ILE B 212 2.30 -1.44 0.36
CA ILE B 212 1.25 -1.72 1.32
C ILE B 212 0.90 -3.19 1.17
N ILE B 213 1.03 -3.93 2.26
CA ILE B 213 0.73 -5.35 2.27
C ILE B 213 -0.43 -5.63 3.23
N ASN B 214 -1.43 -6.31 2.70
CA ASN B 214 -2.62 -6.69 3.45
C ASN B 214 -2.49 -8.16 3.83
N SER B 215 -2.25 -8.42 5.11
CA SER B 215 -2.09 -9.80 5.58
C SER B 215 -3.34 -10.39 6.21
N THR B 216 -4.48 -9.75 6.04
CA THR B 216 -5.70 -10.26 6.63
C THR B 216 -6.58 -10.93 5.60
N SER B 217 -7.68 -11.48 6.08
CA SER B 217 -8.64 -12.17 5.23
C SER B 217 -9.87 -11.28 5.05
N ALA B 218 -9.66 -9.98 5.17
CA ALA B 218 -10.73 -9.01 5.02
C ALA B 218 -11.36 -9.11 3.63
N SER B 219 -10.53 -9.23 2.60
CA SER B 219 -11.02 -9.34 1.21
C SER B 219 -11.95 -10.53 0.97
N LEU B 220 -11.83 -11.58 1.76
CA LEU B 220 -12.69 -12.75 1.58
C LEU B 220 -14.10 -12.46 2.09
N ASP B 221 -14.17 -11.77 3.23
CA ASP B 221 -15.46 -11.41 3.84
C ASP B 221 -15.97 -10.08 3.28
N GLY B 222 -15.35 -9.65 2.18
CA GLY B 222 -15.71 -8.40 1.50
C GLY B 222 -15.59 -7.14 2.34
N GLU B 223 -14.79 -7.18 3.40
CA GLU B 223 -14.62 -6.00 4.26
C GLU B 223 -13.20 -5.43 4.24
N LEU B 224 -13.07 -4.22 4.75
CA LEU B 224 -11.80 -3.52 4.77
C LEU B 224 -11.51 -2.88 6.11
N PRO B 225 -10.23 -2.55 6.36
CA PRO B 225 -9.84 -1.91 7.60
C PRO B 225 -10.08 -0.40 7.49
N ALA B 226 -10.66 0.19 8.53
CA ALA B 226 -10.93 1.61 8.54
C ALA B 226 -9.65 2.42 8.61
N ILE B 227 -8.99 2.58 7.45
CA ILE B 227 -7.75 3.35 7.38
C ILE B 227 -7.90 4.48 6.38
N ASP B 228 -7.27 5.62 6.65
CA ASP B 228 -7.35 6.76 5.76
C ASP B 228 -6.65 6.36 4.44
N PRO B 229 -7.34 6.57 3.30
CA PRO B 229 -6.77 6.25 1.99
C PRO B 229 -5.47 7.01 1.68
N VAL B 230 -5.03 7.86 2.60
CA VAL B 230 -3.79 8.61 2.44
C VAL B 230 -2.61 7.64 2.23
N ILE B 231 -2.74 6.41 2.73
CA ILE B 231 -1.67 5.41 2.58
C ILE B 231 -1.29 5.11 1.12
N PHE B 232 -2.20 5.39 0.19
CA PHE B 232 -1.92 5.14 -1.23
C PHE B 232 -1.52 6.42 -1.95
N SER B 233 -0.51 6.33 -2.82
CA SER B 233 -0.08 7.47 -3.61
C SER B 233 -0.06 6.91 -4.99
N SER B 234 0.16 7.77 -5.97
CA SER B 234 0.20 7.33 -7.36
C SER B 234 1.35 6.36 -7.61
N ARG B 235 2.38 6.40 -6.76
CA ARG B 235 3.55 5.50 -6.89
C ARG B 235 3.44 4.22 -6.08
N SER B 236 2.43 4.10 -5.24
CA SER B 236 2.26 2.91 -4.39
C SER B 236 1.96 1.58 -5.06
N VAL B 237 2.55 0.53 -4.49
CA VAL B 237 2.37 -0.83 -4.93
C VAL B 237 1.61 -1.48 -3.79
N CYS B 238 0.46 -2.05 -4.11
CA CYS B 238 -0.39 -2.68 -3.13
C CYS B 238 -0.38 -4.20 -3.29
N TYR B 239 -0.24 -4.92 -2.18
CA TYR B 239 -0.20 -6.38 -2.24
C TYR B 239 -1.21 -6.99 -1.26
N ASP B 240 -2.10 -7.83 -1.75
CA ASP B 240 -3.11 -8.46 -0.91
C ASP B 240 -2.85 -9.95 -0.87
N MET B 241 -2.73 -10.51 0.34
CA MET B 241 -2.49 -11.96 0.46
C MET B 241 -3.62 -12.81 -0.08
N MET B 242 -4.85 -12.32 -0.06
CA MET B 242 -5.95 -13.10 -0.58
C MET B 242 -5.89 -12.99 -2.11
N TYR B 243 -6.67 -13.80 -2.81
CA TYR B 243 -6.70 -13.76 -4.27
C TYR B 243 -8.02 -14.28 -4.81
N GLY B 244 -8.19 -14.16 -6.11
CA GLY B 244 -9.39 -14.61 -6.78
C GLY B 244 -9.54 -13.95 -8.14
N LYS B 245 -10.72 -14.14 -8.72
CA LYS B 245 -11.05 -13.59 -10.02
C LYS B 245 -11.02 -12.06 -9.97
N GLY B 246 -10.23 -11.47 -10.86
CA GLY B 246 -10.11 -10.02 -10.92
C GLY B 246 -9.41 -9.45 -9.72
N TYR B 247 -9.90 -8.32 -9.24
CA TYR B 247 -9.31 -7.66 -8.09
C TYR B 247 -10.09 -7.91 -6.81
N THR B 248 -9.34 -8.06 -5.73
CA THR B 248 -9.91 -8.29 -4.41
C THR B 248 -10.47 -6.96 -3.93
N VAL B 249 -11.40 -7.03 -2.99
CA VAL B 249 -12.00 -5.83 -2.45
C VAL B 249 -10.90 -4.84 -2.01
N PHE B 250 -9.85 -5.35 -1.38
CA PHE B 250 -8.76 -4.48 -0.93
C PHE B 250 -8.03 -3.82 -2.10
N ASN B 251 -7.68 -4.59 -3.12
CA ASN B 251 -6.99 -4.00 -4.27
C ASN B 251 -7.88 -3.01 -5.04
N GLN B 252 -9.18 -3.29 -5.18
CA GLN B 252 -10.06 -2.35 -5.89
C GLN B 252 -10.06 -1.02 -5.15
N TRP B 253 -10.14 -1.10 -3.83
CA TRP B 253 -10.12 0.08 -3.02
C TRP B 253 -8.84 0.87 -3.29
N ALA B 254 -7.70 0.18 -3.33
CA ALA B 254 -6.41 0.80 -3.61
C ALA B 254 -6.42 1.47 -4.99
N ARG B 255 -6.95 0.76 -5.98
CA ARG B 255 -7.04 1.27 -7.34
C ARG B 255 -7.86 2.56 -7.44
N GLN B 256 -8.95 2.64 -6.69
CA GLN B 256 -9.78 3.84 -6.69
C GLN B 256 -9.02 5.04 -6.12
N HIS B 257 -7.93 4.78 -5.38
CA HIS B 257 -7.14 5.86 -4.82
C HIS B 257 -5.79 6.03 -5.51
N GLY B 258 -5.73 5.59 -6.76
CA GLY B 258 -4.54 5.72 -7.62
C GLY B 258 -3.29 4.89 -7.52
N CYS B 259 -3.27 3.78 -6.80
CA CYS B 259 -2.02 3.00 -6.72
C CYS B 259 -1.61 2.53 -8.12
N ALA B 260 -0.31 2.46 -8.34
CA ALA B 260 0.24 2.05 -9.61
C ALA B 260 0.09 0.55 -9.92
N GLN B 261 0.36 -0.32 -8.95
CA GLN B 261 0.27 -1.75 -9.20
C GLN B 261 -0.39 -2.53 -8.05
N ALA B 262 -1.48 -3.24 -8.36
CA ALA B 262 -2.21 -4.02 -7.35
C ALA B 262 -1.95 -5.49 -7.61
N ILE B 263 -1.37 -6.16 -6.62
CA ILE B 263 -1.02 -7.57 -6.73
C ILE B 263 -1.79 -8.40 -5.70
N ASP B 264 -2.16 -9.62 -6.06
CA ASP B 264 -2.89 -10.51 -5.12
C ASP B 264 -1.92 -11.58 -4.63
N GLY B 265 -2.37 -12.45 -3.74
CA GLY B 265 -1.52 -13.50 -3.17
C GLY B 265 -1.23 -14.77 -3.93
N LEU B 266 -1.85 -14.98 -5.09
CA LEU B 266 -1.58 -16.18 -5.85
C LEU B 266 -0.07 -16.41 -5.95
N GLY B 267 0.69 -15.36 -6.26
CA GLY B 267 2.16 -15.50 -6.36
C GLY B 267 2.82 -15.87 -5.04
N MET B 268 2.22 -15.49 -3.93
CA MET B 268 2.77 -15.83 -2.62
C MET B 268 2.61 -17.34 -2.43
N LEU B 269 1.46 -17.87 -2.84
CA LEU B 269 1.17 -19.29 -2.74
C LEU B 269 2.25 -20.12 -3.45
N VAL B 270 2.53 -19.77 -4.69
CA VAL B 270 3.53 -20.50 -5.47
C VAL B 270 4.91 -20.27 -4.86
N GLY B 271 5.17 -19.03 -4.44
CA GLY B 271 6.46 -18.69 -3.85
C GLY B 271 6.76 -19.50 -2.59
N GLN B 272 5.78 -19.61 -1.69
CA GLN B 272 5.98 -20.36 -0.45
C GLN B 272 6.16 -21.84 -0.80
N ALA B 273 5.44 -22.28 -1.82
CA ALA B 273 5.52 -23.66 -2.26
C ALA B 273 6.94 -23.95 -2.73
N ALA B 274 7.50 -23.02 -3.51
CA ALA B 274 8.86 -23.18 -4.03
C ALA B 274 9.92 -23.20 -2.92
N GLU B 275 9.74 -22.40 -1.86
CA GLU B 275 10.69 -22.38 -0.76
C GLU B 275 10.63 -23.71 -0.01
N SER B 276 9.43 -24.21 0.19
CA SER B 276 9.24 -25.49 0.87
C SER B 276 9.85 -26.64 0.06
N PHE B 277 9.67 -26.59 -1.26
CA PHE B 277 10.19 -27.63 -2.14
C PHE B 277 11.71 -27.64 -2.01
N MET B 278 12.30 -26.45 -2.02
CA MET B 278 13.73 -26.37 -1.90
C MET B 278 14.16 -26.96 -0.56
N LEU B 279 13.46 -26.59 0.50
CA LEU B 279 13.73 -27.09 1.83
C LEU B 279 13.78 -28.62 1.84
N TRP B 280 12.87 -29.25 1.12
CA TRP B 280 12.84 -30.70 1.09
C TRP B 280 13.72 -31.35 0.02
N ARG B 281 13.94 -30.68 -1.10
CA ARG B 281 14.71 -31.29 -2.19
C ARG B 281 16.05 -30.66 -2.56
N GLY B 282 16.35 -29.48 -2.04
CA GLY B 282 17.62 -28.82 -2.33
C GLY B 282 17.70 -28.08 -3.66
N LEU B 283 16.56 -27.91 -4.33
CA LEU B 283 16.52 -27.21 -5.61
C LEU B 283 15.40 -26.18 -5.64
N ARG B 284 15.65 -25.06 -6.32
CA ARG B 284 14.66 -24.00 -6.48
C ARG B 284 14.01 -24.24 -7.82
N PRO B 285 12.72 -24.60 -7.83
CA PRO B 285 12.10 -24.81 -9.14
C PRO B 285 11.57 -23.49 -9.72
N GLY B 286 11.44 -23.42 -11.05
CA GLY B 286 10.92 -22.21 -11.71
C GLY B 286 9.44 -22.11 -11.37
N THR B 287 8.93 -20.89 -11.20
CA THR B 287 7.53 -20.67 -10.84
C THR B 287 6.71 -19.82 -11.81
N LYS B 288 7.37 -19.12 -12.73
CA LYS B 288 6.67 -18.26 -13.69
C LYS B 288 5.59 -18.98 -14.49
N GLN B 289 5.91 -20.15 -15.03
CA GLN B 289 4.93 -20.91 -15.83
C GLN B 289 3.76 -21.35 -14.96
N ILE B 290 4.09 -22.05 -13.88
CA ILE B 290 3.09 -22.55 -12.94
C ILE B 290 2.16 -21.43 -12.51
N LEU B 291 2.72 -20.30 -12.09
CA LEU B 291 1.92 -19.16 -11.65
C LEU B 291 1.05 -18.63 -12.79
N ARG B 292 1.60 -18.64 -13.99
CA ARG B 292 0.88 -18.16 -15.15
C ARG B 292 -0.25 -19.13 -15.52
N GLU B 293 -0.12 -20.40 -15.13
CA GLU B 293 -1.15 -21.38 -15.42
C GLU B 293 -2.28 -21.22 -14.37
N LEU B 294 -1.91 -20.93 -13.13
CA LEU B 294 -2.91 -20.75 -12.07
C LEU B 294 -3.70 -19.45 -12.29
N ARG B 295 -3.05 -18.44 -12.84
CA ARG B 295 -3.71 -17.17 -13.10
C ARG B 295 -4.81 -17.41 -14.14
N LYS B 296 -4.47 -18.17 -15.19
CA LYS B 296 -5.42 -18.49 -16.24
C LYS B 296 -6.61 -19.27 -15.67
N ASN B 297 -6.32 -20.26 -14.83
CA ASN B 297 -7.38 -21.07 -14.23
C ASN B 297 -8.33 -20.21 -13.40
N LEU B 298 -7.80 -19.20 -12.73
CA LEU B 298 -8.67 -18.30 -11.94
C LEU B 298 -9.55 -17.41 -12.81
N GLU B 299 -9.03 -16.97 -13.96
CA GLU B 299 -9.75 -16.08 -14.89
C GLU B 299 -10.55 -16.80 -15.99
N ILE C 29 -0.52 -28.94 -20.04
CA ILE C 29 -0.67 -30.10 -19.12
C ILE C 29 -2.07 -30.17 -18.51
N ASP C 30 -2.78 -31.27 -18.79
CA ASP C 30 -4.13 -31.50 -18.29
C ASP C 30 -4.08 -32.11 -16.89
N GLN C 31 -4.92 -31.63 -15.99
CA GLN C 31 -4.94 -32.17 -14.63
C GLN C 31 -6.10 -33.09 -14.32
N TYR C 32 -5.78 -34.13 -13.55
CA TYR C 32 -6.74 -35.13 -13.14
C TYR C 32 -6.51 -35.35 -11.67
N ALA C 33 -7.44 -36.00 -11.00
CA ALA C 33 -7.25 -36.23 -9.59
C ALA C 33 -8.11 -37.35 -9.10
N VAL C 34 -7.93 -37.70 -7.85
CA VAL C 34 -8.74 -38.74 -7.26
C VAL C 34 -9.27 -38.11 -5.99
N PHE C 35 -10.59 -38.04 -5.87
CA PHE C 35 -11.23 -37.48 -4.68
C PHE C 35 -11.77 -38.60 -3.80
N GLY C 36 -11.49 -38.52 -2.51
CA GLY C 36 -11.94 -39.51 -1.55
C GLY C 36 -11.64 -39.02 -0.16
N ASN C 37 -11.95 -39.83 0.85
CA ASN C 37 -11.71 -39.46 2.23
C ASN C 37 -11.79 -40.72 3.09
N PRO C 38 -10.66 -41.22 3.59
CA PRO C 38 -9.29 -40.72 3.44
C PRO C 38 -8.75 -41.06 2.07
N ILE C 39 -7.68 -40.38 1.65
CA ILE C 39 -7.11 -40.64 0.34
C ILE C 39 -5.71 -41.26 0.54
N ASN C 40 -5.24 -41.19 1.78
CA ASN C 40 -3.94 -41.71 2.24
C ASN C 40 -3.38 -42.92 1.52
N HIS C 41 -4.20 -43.97 1.45
CA HIS C 41 -3.78 -45.23 0.83
C HIS C 41 -3.96 -45.38 -0.69
N SER C 42 -4.49 -44.38 -1.37
CA SER C 42 -4.69 -44.52 -2.81
C SER C 42 -3.41 -44.68 -3.58
N LYS C 43 -3.45 -45.55 -4.58
CA LYS C 43 -2.32 -45.81 -5.43
C LYS C 43 -2.59 -45.33 -6.84
N SER C 44 -3.68 -44.60 -7.02
CA SER C 44 -4.05 -44.09 -8.33
C SER C 44 -3.06 -43.08 -8.91
N PRO C 45 -2.48 -42.22 -8.05
CA PRO C 45 -1.53 -41.26 -8.61
C PRO C 45 -0.33 -41.96 -9.22
N PHE C 46 0.16 -42.98 -8.52
CA PHE C 46 1.28 -43.76 -8.97
C PHE C 46 0.92 -44.42 -10.30
N ILE C 47 -0.22 -45.12 -10.32
CA ILE C 47 -0.68 -45.81 -11.53
C ILE C 47 -0.82 -44.90 -12.75
N HIS C 48 -1.63 -43.86 -12.62
CA HIS C 48 -1.87 -42.92 -13.73
C HIS C 48 -0.62 -42.14 -14.16
N THR C 49 0.32 -41.94 -13.26
CA THR C 49 1.54 -41.23 -13.60
C THR C 49 2.28 -42.16 -14.55
N LEU C 50 2.29 -43.44 -14.24
CA LEU C 50 2.96 -44.41 -15.10
C LEU C 50 2.23 -44.57 -16.43
N PHE C 51 0.89 -44.61 -16.44
CA PHE C 51 0.18 -44.74 -17.71
C PHE C 51 0.55 -43.58 -18.62
N ALA C 52 0.59 -42.38 -18.04
CA ALA C 52 0.92 -41.17 -18.79
C ALA C 52 2.37 -41.19 -19.24
N ARG C 53 3.21 -41.88 -18.47
CA ARG C 53 4.63 -41.99 -18.71
C ARG C 53 4.80 -42.78 -20.03
N GLN C 54 4.12 -43.93 -20.10
CA GLN C 54 4.15 -44.81 -21.28
C GLN C 54 3.56 -44.19 -22.52
N THR C 55 2.30 -43.79 -22.41
CA THR C 55 1.57 -43.21 -23.51
C THR C 55 1.98 -41.78 -23.88
N GLN C 56 2.98 -41.24 -23.19
CA GLN C 56 3.48 -39.88 -23.46
C GLN C 56 2.37 -38.84 -23.50
N GLN C 57 1.55 -38.84 -22.46
CA GLN C 57 0.44 -37.91 -22.32
C GLN C 57 0.87 -36.78 -21.40
N SER C 58 0.71 -35.55 -21.86
CA SER C 58 1.08 -34.39 -21.07
C SER C 58 -0.02 -34.12 -20.02
N MET C 59 0.11 -34.75 -18.86
CA MET C 59 -0.86 -34.62 -17.78
C MET C 59 -0.30 -34.95 -16.40
N ILE C 60 -1.04 -34.56 -15.36
CA ILE C 60 -0.69 -34.83 -13.98
C ILE C 60 -1.95 -35.37 -13.32
N TYR C 61 -1.76 -36.10 -12.22
CA TYR C 61 -2.85 -36.70 -11.48
C TYR C 61 -2.47 -36.66 -10.00
N THR C 62 -3.34 -36.08 -9.17
CA THR C 62 -3.06 -35.98 -7.74
C THR C 62 -4.20 -36.51 -6.87
N ALA C 63 -3.89 -36.79 -5.61
CA ALA C 63 -4.88 -37.31 -4.66
C ALA C 63 -5.33 -36.18 -3.75
N GLN C 64 -6.59 -35.82 -3.86
CA GLN C 64 -7.17 -34.73 -3.08
C GLN C 64 -8.18 -35.26 -2.06
N CYS C 65 -7.91 -35.11 -0.77
CA CYS C 65 -8.88 -35.57 0.21
C CYS C 65 -9.85 -34.40 0.32
N VAL C 66 -11.14 -34.70 0.40
CA VAL C 66 -12.17 -33.65 0.52
C VAL C 66 -13.07 -33.92 1.71
N PRO C 67 -13.47 -32.85 2.43
CA PRO C 67 -14.35 -33.07 3.56
C PRO C 67 -15.60 -33.80 3.08
N VAL C 68 -16.11 -34.71 3.91
CA VAL C 68 -17.28 -35.48 3.57
C VAL C 68 -18.46 -34.61 3.12
N ASP C 69 -18.63 -33.43 3.70
CA ASP C 69 -19.74 -32.57 3.32
C ASP C 69 -19.45 -31.58 2.19
N GLY C 70 -18.27 -31.67 1.55
CA GLY C 70 -17.95 -30.73 0.49
C GLY C 70 -17.50 -31.28 -0.84
N PHE C 71 -18.07 -32.41 -1.25
CA PHE C 71 -17.68 -32.99 -2.53
C PHE C 71 -18.12 -32.14 -3.71
N THR C 72 -19.41 -31.78 -3.73
CA THR C 72 -19.95 -30.96 -4.81
C THR C 72 -19.12 -29.70 -5.03
N GLU C 73 -18.93 -28.87 -4.01
CA GLU C 73 -18.14 -27.66 -4.18
C GLU C 73 -16.76 -28.04 -4.69
N ALA C 74 -16.18 -29.08 -4.09
CA ALA C 74 -14.85 -29.53 -4.48
C ALA C 74 -14.82 -29.87 -5.97
N ALA C 75 -15.76 -30.69 -6.40
CA ALA C 75 -15.83 -31.10 -7.81
C ALA C 75 -16.05 -29.90 -8.73
N LYS C 76 -17.00 -29.02 -8.40
CA LYS C 76 -17.22 -27.84 -9.26
C LYS C 76 -15.96 -26.99 -9.37
N HIS C 77 -15.35 -26.71 -8.23
CA HIS C 77 -14.14 -25.91 -8.20
C HIS C 77 -13.06 -26.52 -9.10
N PHE C 78 -12.86 -27.83 -8.95
CA PHE C 78 -11.88 -28.57 -9.75
C PHE C 78 -12.14 -28.42 -11.26
N PHE C 79 -13.37 -28.72 -11.69
CA PHE C 79 -13.70 -28.61 -13.12
C PHE C 79 -13.73 -27.19 -13.64
N ALA C 80 -14.17 -26.27 -12.79
CA ALA C 80 -14.25 -24.86 -13.15
C ALA C 80 -12.85 -24.28 -13.36
N GLN C 81 -11.85 -24.88 -12.71
CA GLN C 81 -10.47 -24.42 -12.83
C GLN C 81 -9.51 -25.26 -13.67
N GLY C 82 -10.01 -25.85 -14.74
CA GLY C 82 -9.17 -26.64 -15.64
C GLY C 82 -9.15 -28.14 -15.50
N GLY C 83 -9.56 -28.67 -14.35
CA GLY C 83 -9.58 -30.12 -14.14
C GLY C 83 -10.31 -30.77 -15.30
N ARG C 84 -9.75 -31.84 -15.87
CA ARG C 84 -10.40 -32.50 -17.00
C ARG C 84 -11.00 -33.88 -16.69
N GLY C 85 -10.78 -34.37 -15.48
CA GLY C 85 -11.31 -35.66 -15.09
C GLY C 85 -10.83 -36.08 -13.71
N CYS C 86 -11.51 -37.06 -13.13
CA CYS C 86 -11.11 -37.52 -11.81
C CYS C 86 -11.80 -38.78 -11.40
N ASN C 87 -11.10 -39.55 -10.57
CA ASN C 87 -11.65 -40.76 -10.03
C ASN C 87 -12.27 -40.32 -8.72
N VAL C 88 -13.25 -41.08 -8.28
CA VAL C 88 -13.92 -40.78 -7.05
C VAL C 88 -13.88 -42.07 -6.28
N THR C 89 -13.54 -42.02 -5.00
CA THR C 89 -13.52 -43.26 -4.22
C THR C 89 -14.38 -43.06 -2.98
N VAL C 90 -14.38 -44.02 -2.05
CA VAL C 90 -15.22 -43.88 -0.85
C VAL C 90 -14.92 -42.58 -0.09
N PRO C 91 -15.96 -41.92 0.43
CA PRO C 91 -17.38 -42.26 0.40
C PRO C 91 -18.16 -41.35 -0.54
N PHE C 92 -17.61 -41.04 -1.71
CA PHE C 92 -18.30 -40.14 -2.61
C PHE C 92 -18.87 -40.78 -3.88
N LYS C 93 -18.70 -42.08 -4.06
CA LYS C 93 -19.21 -42.72 -5.27
C LYS C 93 -20.68 -42.43 -5.54
N GLU C 94 -21.52 -42.39 -4.50
CA GLU C 94 -22.94 -42.08 -4.71
C GLU C 94 -23.17 -40.58 -4.97
N GLU C 95 -22.36 -39.71 -4.35
CA GLU C 95 -22.57 -38.30 -4.59
C GLU C 95 -22.10 -37.94 -6.01
N ALA C 96 -21.13 -38.66 -6.53
CA ALA C 96 -20.64 -38.41 -7.89
C ALA C 96 -21.77 -38.74 -8.86
N TYR C 97 -22.51 -39.79 -8.51
CA TYR C 97 -23.66 -40.25 -9.27
C TYR C 97 -24.69 -39.12 -9.36
N ARG C 98 -24.91 -38.43 -8.25
CA ARG C 98 -25.86 -37.31 -8.20
C ARG C 98 -25.31 -36.01 -8.78
N PHE C 99 -23.98 -35.92 -8.91
CA PHE C 99 -23.33 -34.72 -9.43
C PHE C 99 -23.21 -34.63 -10.96
N ALA C 100 -22.77 -35.71 -11.60
CA ALA C 100 -22.61 -35.73 -13.05
C ALA C 100 -23.81 -35.21 -13.85
N ASP C 101 -23.52 -34.50 -14.93
CA ASP C 101 -24.55 -33.96 -15.82
C ASP C 101 -25.18 -35.14 -16.56
N ARG C 102 -24.37 -36.12 -16.95
CA ARG C 102 -24.91 -37.27 -17.65
C ARG C 102 -24.15 -38.53 -17.24
N LEU C 103 -24.86 -39.66 -17.24
CA LEU C 103 -24.28 -40.93 -16.86
C LEU C 103 -24.27 -42.00 -17.94
N THR C 104 -23.24 -42.84 -17.93
CA THR C 104 -23.14 -43.92 -18.89
C THR C 104 -24.06 -45.00 -18.35
N GLU C 105 -24.48 -45.93 -19.20
CA GLU C 105 -25.37 -46.99 -18.79
C GLU C 105 -24.88 -47.72 -17.53
N ARG C 106 -23.64 -48.18 -17.54
CA ARG C 106 -23.07 -48.89 -16.39
C ARG C 106 -23.05 -48.08 -15.08
N ALA C 107 -22.98 -46.75 -15.19
CA ALA C 107 -22.97 -45.90 -13.98
C ALA C 107 -24.40 -45.88 -13.44
N ARG C 108 -25.35 -45.84 -14.38
CA ARG C 108 -26.79 -45.83 -14.11
C ARG C 108 -27.12 -47.06 -13.27
N LEU C 109 -26.76 -48.24 -13.80
CA LEU C 109 -27.03 -49.50 -13.14
C LEU C 109 -26.22 -49.72 -11.86
N ALA C 110 -24.99 -49.24 -11.83
CA ALA C 110 -24.11 -49.38 -10.66
C ALA C 110 -24.62 -48.54 -9.49
N GLY C 111 -25.26 -47.41 -9.82
CA GLY C 111 -25.79 -46.48 -8.81
C GLY C 111 -24.64 -45.70 -8.18
N ALA C 112 -23.46 -45.78 -8.78
CA ALA C 112 -22.30 -45.08 -8.25
C ALA C 112 -21.39 -44.64 -9.38
N VAL C 113 -20.56 -43.65 -9.10
CA VAL C 113 -19.64 -43.13 -10.09
C VAL C 113 -18.25 -43.05 -9.51
N ASN C 114 -17.28 -43.66 -10.18
CA ASN C 114 -15.90 -43.61 -9.70
C ASN C 114 -15.04 -42.83 -10.68
N THR C 115 -15.64 -42.39 -11.79
CA THR C 115 -14.93 -41.64 -12.82
C THR C 115 -15.75 -40.48 -13.38
N LEU C 116 -15.13 -39.30 -13.41
CA LEU C 116 -15.78 -38.10 -13.93
C LEU C 116 -14.91 -37.53 -15.04
N LYS C 117 -15.55 -37.06 -16.11
CA LYS C 117 -14.83 -36.50 -17.24
C LYS C 117 -15.52 -35.28 -17.79
N LYS C 118 -14.78 -34.18 -17.90
CA LYS C 118 -15.35 -32.96 -18.46
C LYS C 118 -15.20 -33.11 -19.97
N LEU C 119 -16.30 -33.41 -20.65
CA LEU C 119 -16.30 -33.59 -22.10
C LEU C 119 -15.97 -32.29 -22.81
N ASP C 120 -15.69 -32.40 -24.11
CA ASP C 120 -15.36 -31.26 -24.95
C ASP C 120 -16.53 -30.26 -25.07
N ASP C 121 -17.75 -30.73 -24.80
CA ASP C 121 -18.94 -29.89 -24.87
C ASP C 121 -19.31 -29.24 -23.52
N GLY C 122 -18.43 -29.34 -22.53
CA GLY C 122 -18.67 -28.76 -21.21
C GLY C 122 -19.42 -29.66 -20.24
N GLU C 123 -19.93 -30.79 -20.72
CA GLU C 123 -20.65 -31.72 -19.87
C GLU C 123 -19.75 -32.58 -19.00
N ILE C 124 -20.19 -32.77 -17.75
CA ILE C 124 -19.46 -33.58 -16.81
C ILE C 124 -20.10 -34.97 -16.87
N LEU C 125 -19.40 -35.90 -17.51
CA LEU C 125 -19.88 -37.26 -17.65
C LEU C 125 -19.45 -38.13 -16.48
N GLY C 126 -20.36 -38.98 -16.02
CA GLY C 126 -20.08 -39.90 -14.92
C GLY C 126 -20.10 -41.32 -15.42
N ASP C 127 -19.09 -42.10 -15.04
CA ASP C 127 -19.00 -43.49 -15.47
C ASP C 127 -18.56 -44.31 -14.27
N ASN C 128 -18.66 -45.62 -14.39
CA ASN C 128 -18.23 -46.53 -13.33
C ASN C 128 -17.39 -47.55 -14.05
N THR C 129 -16.11 -47.60 -13.68
CA THR C 129 -15.18 -48.51 -14.30
C THR C 129 -14.74 -49.66 -13.43
N ASP C 130 -15.26 -49.76 -12.21
CA ASP C 130 -14.88 -50.85 -11.30
C ASP C 130 -15.28 -52.22 -11.84
N GLY C 131 -16.47 -52.32 -12.41
CA GLY C 131 -16.96 -53.56 -12.97
C GLY C 131 -16.19 -53.98 -14.20
N GLU C 132 -16.06 -53.08 -15.15
CA GLU C 132 -15.32 -53.40 -16.37
C GLU C 132 -13.88 -53.73 -16.01
N GLY C 133 -13.33 -53.04 -15.01
CA GLY C 133 -11.96 -53.26 -14.56
C GLY C 133 -11.78 -54.68 -14.04
N LEU C 134 -12.81 -55.20 -13.37
CA LEU C 134 -12.79 -56.56 -12.83
C LEU C 134 -12.89 -57.57 -13.97
N VAL C 135 -13.81 -57.31 -14.90
CA VAL C 135 -14.01 -58.19 -16.04
C VAL C 135 -12.78 -58.25 -16.93
N GLN C 136 -12.16 -57.11 -17.20
CA GLN C 136 -10.97 -57.10 -18.06
C GLN C 136 -9.80 -57.79 -17.38
N ASP C 137 -9.82 -57.80 -16.05
CA ASP C 137 -8.75 -58.45 -15.29
C ASP C 137 -8.99 -59.95 -15.44
N LEU C 138 -10.23 -60.39 -15.21
CA LEU C 138 -10.57 -61.80 -15.34
C LEU C 138 -10.19 -62.33 -16.72
N LEU C 139 -10.48 -61.55 -17.76
CA LEU C 139 -10.17 -61.94 -19.14
C LEU C 139 -8.66 -61.96 -19.40
N ALA C 140 -7.92 -61.12 -18.68
CA ALA C 140 -6.46 -61.05 -18.81
C ALA C 140 -5.85 -62.24 -18.08
N GLN C 141 -6.56 -62.77 -17.09
CA GLN C 141 -6.12 -63.93 -16.31
C GLN C 141 -6.56 -65.19 -17.07
N GLN C 142 -7.17 -64.99 -18.24
CA GLN C 142 -7.63 -66.08 -19.08
C GLN C 142 -8.75 -66.88 -18.41
N VAL C 143 -9.65 -66.17 -17.74
CA VAL C 143 -10.80 -66.79 -17.06
C VAL C 143 -12.04 -66.59 -17.91
N LEU C 144 -12.71 -67.68 -18.24
CA LEU C 144 -13.91 -67.64 -19.06
C LEU C 144 -15.12 -67.29 -18.18
N LEU C 145 -15.82 -66.23 -18.56
CA LEU C 145 -17.01 -65.79 -17.84
C LEU C 145 -18.25 -66.27 -18.57
N LYS C 146 -18.19 -66.28 -19.90
CA LYS C 146 -19.31 -66.73 -20.72
C LYS C 146 -19.65 -68.18 -20.41
N GLY C 147 -20.92 -68.43 -20.12
CA GLY C 147 -21.41 -69.77 -19.81
C GLY C 147 -20.95 -70.30 -18.47
N ALA C 148 -20.38 -69.42 -17.65
CA ALA C 148 -19.87 -69.81 -16.34
C ALA C 148 -20.90 -69.57 -15.24
N THR C 149 -20.73 -70.27 -14.13
CA THR C 149 -21.61 -70.12 -12.98
C THR C 149 -20.82 -69.23 -12.05
N ILE C 150 -21.40 -68.09 -11.67
CA ILE C 150 -20.72 -67.15 -10.80
C ILE C 150 -21.43 -66.91 -9.47
N LEU C 151 -20.61 -66.70 -8.43
CA LEU C 151 -21.09 -66.43 -7.09
C LEU C 151 -20.50 -65.11 -6.67
N LEU C 152 -21.34 -64.15 -6.34
CA LEU C 152 -20.89 -62.84 -5.91
C LEU C 152 -21.21 -62.69 -4.43
N ILE C 153 -20.16 -62.56 -3.63
CA ILE C 153 -20.32 -62.43 -2.19
C ILE C 153 -20.42 -60.96 -1.81
N GLY C 154 -21.57 -60.60 -1.23
CA GLY C 154 -21.84 -59.24 -0.81
C GLY C 154 -22.97 -58.73 -1.67
N ALA C 155 -23.74 -57.78 -1.15
CA ALA C 155 -24.85 -57.20 -1.87
C ALA C 155 -24.87 -55.68 -1.72
N GLY C 156 -23.68 -55.10 -1.50
CA GLY C 156 -23.54 -53.66 -1.33
C GLY C 156 -23.13 -53.03 -2.63
N GLY C 157 -22.67 -51.78 -2.56
CA GLY C 157 -22.24 -51.03 -3.75
C GLY C 157 -21.20 -51.73 -4.60
N ALA C 158 -20.17 -52.27 -3.94
CA ALA C 158 -19.09 -52.97 -4.62
C ALA C 158 -19.65 -54.04 -5.56
N ALA C 159 -20.47 -54.92 -5.00
CA ALA C 159 -21.07 -55.99 -5.78
C ALA C 159 -22.01 -55.42 -6.82
N ARG C 160 -22.72 -54.36 -6.45
CA ARG C 160 -23.65 -53.77 -7.39
C ARG C 160 -22.93 -53.19 -8.62
N GLY C 161 -21.78 -52.57 -8.41
CA GLY C 161 -21.03 -51.98 -9.52
C GLY C 161 -20.37 -52.94 -10.52
N VAL C 162 -20.41 -54.24 -10.23
CA VAL C 162 -19.80 -55.22 -11.11
C VAL C 162 -20.80 -56.16 -11.79
N LEU C 163 -22.07 -56.13 -11.37
CA LEU C 163 -23.09 -57.02 -11.97
C LEU C 163 -23.36 -56.85 -13.45
N LYS C 164 -23.59 -55.62 -13.89
CA LYS C 164 -23.88 -55.38 -15.31
C LYS C 164 -22.72 -55.87 -16.18
N PRO C 165 -21.47 -55.45 -15.86
CA PRO C 165 -20.34 -55.91 -16.66
C PRO C 165 -20.24 -57.45 -16.69
N LEU C 166 -20.46 -58.10 -15.55
CA LEU C 166 -20.41 -59.55 -15.48
C LEU C 166 -21.51 -60.15 -16.37
N LEU C 167 -22.70 -59.56 -16.32
CA LEU C 167 -23.80 -60.06 -17.14
C LEU C 167 -23.56 -59.87 -18.64
N ASP C 168 -22.82 -58.85 -19.03
CA ASP C 168 -22.52 -58.61 -20.44
C ASP C 168 -21.67 -59.75 -21.01
N GLN C 169 -20.90 -60.41 -20.14
CA GLN C 169 -20.05 -61.53 -20.57
C GLN C 169 -20.86 -62.80 -20.88
N GLN C 170 -22.10 -62.84 -20.38
CA GLN C 170 -23.04 -63.95 -20.60
C GLN C 170 -22.80 -65.21 -19.77
N PRO C 171 -22.73 -65.06 -18.43
CA PRO C 171 -22.53 -66.24 -17.61
C PRO C 171 -23.79 -67.12 -17.59
N ALA C 172 -23.64 -68.33 -17.07
CA ALA C 172 -24.77 -69.23 -17.00
C ALA C 172 -25.72 -68.70 -15.93
N SER C 173 -25.13 -68.18 -14.86
CA SER C 173 -25.90 -67.64 -13.75
C SER C 173 -25.03 -66.89 -12.77
N ILE C 174 -25.65 -66.06 -11.96
CA ILE C 174 -24.95 -65.29 -10.94
C ILE C 174 -25.75 -65.39 -9.66
N THR C 175 -25.08 -65.78 -8.59
CA THR C 175 -25.75 -65.91 -7.31
C THR C 175 -25.25 -64.83 -6.38
N VAL C 176 -26.18 -64.00 -5.92
CA VAL C 176 -25.84 -62.92 -5.02
C VAL C 176 -26.13 -63.38 -3.60
N THR C 177 -25.08 -63.46 -2.79
CA THR C 177 -25.24 -63.88 -1.41
C THR C 177 -24.74 -62.74 -0.53
N ASN C 178 -25.33 -62.62 0.65
CA ASN C 178 -24.99 -61.56 1.60
C ASN C 178 -25.33 -62.10 3.00
N ARG C 179 -24.95 -61.41 4.07
CA ARG C 179 -25.29 -61.93 5.38
C ARG C 179 -26.81 -61.98 5.47
N THR C 180 -27.43 -60.83 5.27
CA THR C 180 -28.88 -60.73 5.30
C THR C 180 -29.40 -60.94 3.87
N PHE C 181 -30.32 -61.89 3.73
CA PHE C 181 -30.91 -62.24 2.43
C PHE C 181 -31.66 -61.13 1.66
N ALA C 182 -32.57 -60.43 2.33
CA ALA C 182 -33.36 -59.36 1.70
C ALA C 182 -32.54 -58.39 0.84
N LYS C 183 -31.48 -57.85 1.43
CA LYS C 183 -30.61 -56.90 0.73
C LYS C 183 -30.02 -57.55 -0.53
N ALA C 184 -29.71 -58.84 -0.43
CA ALA C 184 -29.13 -59.59 -1.54
C ALA C 184 -30.16 -59.87 -2.64
N GLU C 185 -31.44 -59.95 -2.28
CA GLU C 185 -32.47 -60.20 -3.28
C GLU C 185 -32.82 -58.91 -4.00
N GLN C 186 -32.85 -57.80 -3.25
CA GLN C 186 -33.16 -56.50 -3.83
C GLN C 186 -32.19 -56.20 -4.95
N LEU C 187 -30.92 -56.56 -4.76
CA LEU C 187 -29.89 -56.34 -5.76
C LEU C 187 -30.09 -57.30 -6.94
N ALA C 188 -30.53 -58.51 -6.64
CA ALA C 188 -30.79 -59.51 -7.67
C ALA C 188 -32.00 -59.12 -8.50
N GLU C 189 -32.94 -58.39 -7.90
CA GLU C 189 -34.15 -57.93 -8.59
C GLU C 189 -33.87 -56.73 -9.49
N LEU C 190 -33.02 -55.82 -9.04
CA LEU C 190 -32.67 -54.62 -9.80
C LEU C 190 -32.01 -54.94 -11.15
N VAL C 191 -31.36 -56.09 -11.22
CA VAL C 191 -30.68 -56.51 -12.45
C VAL C 191 -31.26 -57.80 -13.02
N ALA C 192 -32.16 -58.45 -12.29
CA ALA C 192 -32.81 -59.71 -12.71
C ALA C 192 -33.20 -59.85 -14.18
N ALA C 193 -33.33 -58.74 -14.89
CA ALA C 193 -33.70 -58.77 -16.29
C ALA C 193 -32.54 -59.05 -17.25
N TYR C 194 -31.35 -58.62 -16.89
CA TYR C 194 -30.17 -58.81 -17.75
C TYR C 194 -29.60 -60.24 -17.79
N GLY C 195 -30.19 -61.16 -17.03
CA GLY C 195 -29.70 -62.54 -17.01
C GLY C 195 -30.06 -63.32 -15.74
N GLU C 196 -29.75 -64.60 -15.75
CA GLU C 196 -30.02 -65.50 -14.62
C GLU C 196 -29.31 -64.97 -13.37
N VAL C 197 -30.07 -64.33 -12.48
CA VAL C 197 -29.51 -63.79 -11.24
C VAL C 197 -30.27 -64.27 -10.00
N LYS C 198 -29.74 -65.31 -9.35
CA LYS C 198 -30.35 -65.88 -8.15
C LYS C 198 -29.82 -65.16 -6.93
N ALA C 199 -30.55 -65.30 -5.83
CA ALA C 199 -30.17 -64.69 -4.56
C ALA C 199 -30.29 -65.75 -3.47
N GLN C 200 -29.25 -65.90 -2.65
CA GLN C 200 -29.25 -66.89 -1.57
C GLN C 200 -28.51 -66.38 -0.33
N ALA C 201 -28.96 -66.80 0.85
CA ALA C 201 -28.32 -66.40 2.10
C ALA C 201 -27.08 -67.28 2.28
N PHE C 202 -26.13 -66.87 3.12
CA PHE C 202 -24.94 -67.71 3.30
C PHE C 202 -25.31 -69.13 3.65
N GLU C 203 -25.98 -69.32 4.80
CA GLU C 203 -26.39 -70.67 5.23
C GLU C 203 -27.47 -71.24 4.32
N GLN C 204 -27.09 -71.43 3.05
CA GLN C 204 -27.98 -71.96 2.04
C GLN C 204 -27.11 -72.46 0.84
N LEU C 205 -25.91 -71.89 0.69
CA LEU C 205 -24.98 -72.28 -0.37
C LEU C 205 -24.43 -73.69 -0.12
N LYS C 206 -24.79 -74.63 -0.97
CA LYS C 206 -24.34 -76.01 -0.80
C LYS C 206 -23.68 -76.64 -2.03
N GLN C 207 -23.41 -75.84 -3.06
CA GLN C 207 -22.77 -76.37 -4.27
C GLN C 207 -21.60 -75.50 -4.70
N SER C 208 -20.76 -76.05 -5.59
CA SER C 208 -19.59 -75.33 -6.09
C SER C 208 -19.89 -74.48 -7.33
N TYR C 209 -18.98 -73.55 -7.62
CA TYR C 209 -19.12 -72.64 -8.77
C TYR C 209 -17.81 -72.52 -9.58
N ASP C 210 -17.91 -72.10 -10.84
CA ASP C 210 -16.73 -71.94 -11.69
C ASP C 210 -15.89 -70.77 -11.21
N VAL C 211 -16.57 -69.68 -10.89
CA VAL C 211 -15.92 -68.46 -10.43
C VAL C 211 -16.60 -67.93 -9.18
N ILE C 212 -15.79 -67.57 -8.18
CA ILE C 212 -16.32 -67.03 -6.93
C ILE C 212 -15.69 -65.66 -6.70
N ILE C 213 -16.54 -64.64 -6.48
CA ILE C 213 -16.07 -63.26 -6.27
C ILE C 213 -16.44 -62.67 -4.91
N ASN C 214 -15.44 -62.22 -4.17
CA ASN C 214 -15.64 -61.61 -2.85
C ASN C 214 -15.62 -60.09 -2.95
N SER C 215 -16.75 -59.45 -2.69
CA SER C 215 -16.85 -57.99 -2.75
C SER C 215 -16.93 -57.35 -1.38
N THR C 216 -16.96 -58.17 -0.33
CA THR C 216 -17.05 -57.64 1.04
C THR C 216 -15.69 -57.45 1.70
N SER C 217 -15.73 -56.79 2.86
CA SER C 217 -14.53 -56.51 3.65
C SER C 217 -14.11 -57.74 4.45
N PRO C 225 -17.39 -63.94 6.75
CA PRO C 225 -18.69 -64.53 6.45
C PRO C 225 -18.63 -66.06 6.47
N ALA C 226 -19.42 -66.68 7.34
CA ALA C 226 -19.45 -68.13 7.47
C ALA C 226 -20.23 -68.79 6.33
N ILE C 227 -19.50 -69.38 5.38
CA ILE C 227 -20.10 -70.05 4.23
C ILE C 227 -19.58 -71.48 4.15
N ASP C 228 -20.36 -72.38 3.56
CA ASP C 228 -19.95 -73.77 3.44
C ASP C 228 -18.88 -73.88 2.36
N PRO C 229 -17.65 -74.31 2.74
CA PRO C 229 -16.55 -74.44 1.79
C PRO C 229 -16.85 -75.26 0.53
N VAL C 230 -17.99 -75.93 0.47
CA VAL C 230 -18.37 -76.72 -0.70
C VAL C 230 -18.33 -75.85 -1.95
N ILE C 231 -18.64 -74.56 -1.77
CA ILE C 231 -18.64 -73.60 -2.86
C ILE C 231 -17.35 -73.68 -3.67
N PHE C 232 -16.24 -74.01 -3.01
CA PHE C 232 -14.96 -74.13 -3.67
C PHE C 232 -14.78 -75.51 -4.28
N SER C 233 -14.91 -75.60 -5.60
CA SER C 233 -14.76 -76.86 -6.30
C SER C 233 -13.27 -77.11 -6.53
N SER C 234 -12.96 -77.93 -7.53
CA SER C 234 -11.57 -78.24 -7.85
C SER C 234 -11.02 -77.27 -8.90
N ARG C 235 -11.83 -76.83 -9.86
CA ARG C 235 -11.32 -75.90 -10.86
C ARG C 235 -11.91 -74.51 -10.71
N SER C 236 -12.37 -74.21 -9.50
CA SER C 236 -12.96 -72.92 -9.20
C SER C 236 -11.93 -71.80 -9.24
N VAL C 237 -12.22 -70.77 -10.02
CA VAL C 237 -11.36 -69.62 -10.13
C VAL C 237 -11.93 -68.67 -9.09
N CYS C 238 -11.14 -68.40 -8.05
CA CYS C 238 -11.56 -67.53 -6.96
C CYS C 238 -10.94 -66.14 -7.08
N TYR C 239 -11.78 -65.10 -6.99
CA TYR C 239 -11.30 -63.72 -7.09
C TYR C 239 -11.75 -62.91 -5.88
N ASP C 240 -10.81 -62.26 -5.19
CA ASP C 240 -11.11 -61.45 -4.02
C ASP C 240 -10.81 -59.99 -4.38
N MET C 241 -11.75 -59.09 -4.12
CA MET C 241 -11.52 -57.68 -4.45
C MET C 241 -10.49 -57.04 -3.54
N MET C 242 -10.31 -57.61 -2.36
CA MET C 242 -9.33 -57.11 -1.40
C MET C 242 -7.95 -57.53 -1.92
N TYR C 243 -6.91 -56.79 -1.56
CA TYR C 243 -5.54 -57.12 -2.00
C TYR C 243 -4.57 -56.73 -0.89
N GLY C 244 -3.27 -56.92 -1.14
CA GLY C 244 -2.25 -56.60 -0.16
C GLY C 244 -1.03 -57.48 -0.25
N LYS C 245 -0.12 -57.30 0.71
CA LYS C 245 1.11 -58.08 0.77
C LYS C 245 0.79 -59.54 1.05
N GLY C 246 0.97 -60.39 0.05
CA GLY C 246 0.71 -61.83 0.18
C GLY C 246 -0.75 -62.10 -0.16
N TYR C 247 -1.25 -63.26 0.24
CA TYR C 247 -2.64 -63.62 -0.01
C TYR C 247 -3.56 -62.98 1.02
N THR C 248 -4.79 -62.67 0.60
CA THR C 248 -5.77 -62.07 1.48
C THR C 248 -6.33 -63.13 2.41
N VAL C 249 -6.99 -62.69 3.48
CA VAL C 249 -7.59 -63.61 4.45
C VAL C 249 -8.58 -64.55 3.75
N PHE C 250 -9.25 -64.04 2.72
CA PHE C 250 -10.23 -64.81 1.94
C PHE C 250 -9.55 -65.78 0.98
N ASN C 251 -8.56 -65.30 0.22
CA ASN C 251 -7.86 -66.17 -0.71
C ASN C 251 -7.21 -67.33 0.02
N GLN C 252 -6.54 -67.06 1.14
CA GLN C 252 -5.88 -68.11 1.93
C GLN C 252 -6.93 -69.15 2.32
N TRP C 253 -8.09 -68.66 2.75
CA TRP C 253 -9.20 -69.51 3.15
C TRP C 253 -9.79 -70.22 1.93
N ALA C 254 -9.61 -69.61 0.75
CA ALA C 254 -10.10 -70.16 -0.50
C ALA C 254 -9.27 -71.35 -0.99
N ARG C 255 -7.97 -71.27 -0.79
CA ARG C 255 -7.05 -72.33 -1.21
C ARG C 255 -7.33 -73.61 -0.42
N GLN C 256 -7.18 -73.50 0.90
CA GLN C 256 -7.38 -74.60 1.83
C GLN C 256 -8.39 -75.65 1.37
N HIS C 257 -9.60 -75.21 1.05
CA HIS C 257 -10.67 -76.12 0.61
C HIS C 257 -10.69 -76.36 -0.90
N GLY C 258 -9.52 -76.46 -1.51
CA GLY C 258 -9.42 -76.69 -2.95
C GLY C 258 -9.72 -75.44 -3.74
N CYS C 259 -8.81 -75.08 -4.64
CA CYS C 259 -9.00 -73.89 -5.46
C CYS C 259 -8.03 -73.92 -6.63
N ALA C 260 -8.55 -73.86 -7.84
CA ALA C 260 -7.72 -73.87 -9.04
C ALA C 260 -6.79 -72.65 -9.04
N GLN C 261 -7.37 -71.47 -8.91
CA GLN C 261 -6.61 -70.24 -8.88
C GLN C 261 -7.30 -69.23 -7.96
N ALA C 262 -6.50 -68.51 -7.18
CA ALA C 262 -7.00 -67.50 -6.23
C ALA C 262 -6.38 -66.14 -6.58
N ILE C 263 -7.18 -65.26 -7.20
CA ILE C 263 -6.73 -63.94 -7.60
C ILE C 263 -7.19 -62.85 -6.63
N ASP C 264 -6.33 -61.88 -6.34
CA ASP C 264 -6.71 -60.79 -5.43
C ASP C 264 -7.16 -59.64 -6.32
N GLY C 265 -7.60 -58.55 -5.72
CA GLY C 265 -8.10 -57.41 -6.49
C GLY C 265 -7.12 -56.39 -7.04
N LEU C 266 -5.83 -56.67 -6.97
CA LEU C 266 -4.86 -55.72 -7.49
C LEU C 266 -5.13 -55.46 -8.97
N GLY C 267 -5.42 -56.52 -9.73
CA GLY C 267 -5.71 -56.38 -11.15
C GLY C 267 -6.97 -55.57 -11.45
N MET C 268 -7.92 -55.60 -10.52
CA MET C 268 -9.15 -54.85 -10.68
C MET C 268 -8.86 -53.35 -10.59
N LEU C 269 -8.09 -52.97 -9.58
CA LEU C 269 -7.70 -51.58 -9.37
C LEU C 269 -7.01 -51.05 -10.62
N VAL C 270 -5.98 -51.77 -11.08
CA VAL C 270 -5.27 -51.35 -12.27
C VAL C 270 -6.22 -51.29 -13.46
N GLY C 271 -7.08 -52.30 -13.57
CA GLY C 271 -8.06 -52.35 -14.66
C GLY C 271 -9.04 -51.20 -14.66
N GLN C 272 -9.64 -50.89 -13.51
CA GLN C 272 -10.59 -49.78 -13.45
C GLN C 272 -9.86 -48.49 -13.84
N ALA C 273 -8.63 -48.33 -13.38
CA ALA C 273 -7.82 -47.15 -13.70
C ALA C 273 -7.55 -47.07 -15.20
N ALA C 274 -7.25 -48.21 -15.81
CA ALA C 274 -6.98 -48.25 -17.25
C ALA C 274 -8.19 -47.79 -18.04
N GLU C 275 -9.38 -48.28 -17.65
CA GLU C 275 -10.64 -47.89 -18.30
C GLU C 275 -10.88 -46.39 -18.15
N SER C 276 -10.61 -45.86 -16.96
CA SER C 276 -10.77 -44.43 -16.70
C SER C 276 -9.81 -43.63 -17.59
N PHE C 277 -8.57 -44.10 -17.70
CA PHE C 277 -7.55 -43.44 -18.50
C PHE C 277 -7.98 -43.52 -19.97
N MET C 278 -8.44 -44.69 -20.37
CA MET C 278 -8.92 -44.94 -21.73
C MET C 278 -10.00 -43.90 -22.02
N LEU C 279 -10.93 -43.78 -21.10
CA LEU C 279 -12.02 -42.83 -21.22
C LEU C 279 -11.54 -41.39 -21.33
N TRP C 280 -10.53 -41.02 -20.55
CA TRP C 280 -10.03 -39.64 -20.60
C TRP C 280 -9.10 -39.31 -21.76
N ARG C 281 -8.27 -40.25 -22.16
CA ARG C 281 -7.30 -39.99 -23.22
C ARG C 281 -7.53 -40.73 -24.55
N GLY C 282 -8.46 -41.67 -24.58
CA GLY C 282 -8.72 -42.40 -25.81
C GLY C 282 -7.58 -43.35 -26.14
N LEU C 283 -6.87 -43.80 -25.10
CA LEU C 283 -5.75 -44.71 -25.26
C LEU C 283 -5.78 -45.69 -24.10
N ARG C 284 -5.74 -46.99 -24.39
CA ARG C 284 -5.75 -47.98 -23.33
C ARG C 284 -4.30 -48.37 -23.08
N PRO C 285 -3.76 -47.99 -21.91
CA PRO C 285 -2.38 -48.29 -21.59
C PRO C 285 -2.11 -49.74 -21.19
N GLY C 286 -0.82 -50.09 -21.11
CA GLY C 286 -0.39 -51.44 -20.73
C GLY C 286 -0.58 -51.58 -19.24
N THR C 287 -1.21 -52.68 -18.83
CA THR C 287 -1.48 -52.91 -17.42
C THR C 287 -0.51 -53.84 -16.72
N LYS C 288 -0.34 -55.05 -17.25
CA LYS C 288 0.54 -56.05 -16.64
C LYS C 288 1.92 -55.49 -16.27
N GLN C 289 2.45 -54.61 -17.10
CA GLN C 289 3.75 -54.02 -16.82
C GLN C 289 3.69 -53.12 -15.58
N ILE C 290 2.61 -52.36 -15.46
CA ILE C 290 2.40 -51.49 -14.29
C ILE C 290 1.96 -52.34 -13.11
N LEU C 291 1.17 -53.38 -13.42
CA LEU C 291 0.65 -54.30 -12.42
C LEU C 291 1.79 -55.05 -11.72
N ARG C 292 2.89 -55.29 -12.44
CA ARG C 292 4.06 -55.97 -11.89
C ARG C 292 4.83 -55.02 -10.99
N GLU C 293 4.92 -53.75 -11.39
CA GLU C 293 5.62 -52.75 -10.61
C GLU C 293 4.93 -52.63 -9.25
N LEU C 294 3.59 -52.63 -9.26
CA LEU C 294 2.82 -52.53 -8.02
C LEU C 294 2.98 -53.77 -7.16
N ARG C 295 3.06 -54.93 -7.81
CA ARG C 295 3.20 -56.19 -7.11
C ARG C 295 4.46 -56.23 -6.22
N LYS C 296 5.56 -55.65 -6.69
CA LYS C 296 6.80 -55.64 -5.88
C LYS C 296 6.61 -54.79 -4.63
N ASN C 297 5.97 -53.63 -4.78
CA ASN C 297 5.72 -52.71 -3.68
C ASN C 297 5.00 -53.37 -2.51
N LEU C 298 4.03 -54.24 -2.81
CA LEU C 298 3.28 -54.93 -1.75
C LEU C 298 4.21 -55.86 -0.98
N GLU C 299 4.85 -56.79 -1.69
CA GLU C 299 5.77 -57.74 -1.07
C GLU C 299 7.02 -57.03 -0.54
N ILE D 29 -0.18 25.11 17.14
CA ILE D 29 0.99 25.54 16.33
C ILE D 29 0.99 27.05 16.17
N ASP D 30 2.09 27.68 16.59
CA ASP D 30 2.24 29.13 16.49
C ASP D 30 2.71 29.56 15.11
N GLN D 31 2.21 30.69 14.66
CA GLN D 31 2.52 31.21 13.34
C GLN D 31 3.49 32.38 13.35
N TYR D 32 4.49 32.29 12.49
CA TYR D 32 5.52 33.31 12.33
C TYR D 32 5.76 33.44 10.84
N ALA D 33 6.31 34.58 10.41
CA ALA D 33 6.56 34.77 9.00
C ALA D 33 7.55 35.87 8.78
N VAL D 34 7.91 36.07 7.51
CA VAL D 34 8.81 37.12 7.14
C VAL D 34 8.02 37.79 6.03
N PHE D 35 7.87 39.10 6.14
CA PHE D 35 7.14 39.86 5.15
C PHE D 35 8.12 40.78 4.48
N GLY D 36 8.08 40.79 3.15
CA GLY D 36 8.96 41.64 2.37
C GLY D 36 8.51 41.57 0.92
N ASN D 37 9.34 42.10 0.02
CA ASN D 37 9.02 42.08 -1.39
C ASN D 37 10.30 42.48 -2.13
N PRO D 38 10.93 41.53 -2.83
CA PRO D 38 10.58 40.12 -3.00
C PRO D 38 11.02 39.29 -1.80
N ILE D 39 10.65 38.01 -1.80
CA ILE D 39 11.02 37.10 -0.72
C ILE D 39 11.67 35.82 -1.17
N ASN D 40 11.70 35.56 -2.48
CA ASN D 40 12.28 34.31 -2.98
C ASN D 40 13.72 34.01 -2.55
N HIS D 41 14.51 35.04 -2.23
CA HIS D 41 15.89 34.81 -1.79
C HIS D 41 16.05 34.84 -0.27
N SER D 42 14.95 34.84 0.48
CA SER D 42 15.07 34.88 1.93
C SER D 42 15.49 33.53 2.54
N LYS D 43 16.42 33.60 3.48
CA LYS D 43 16.92 32.42 4.15
C LYS D 43 16.25 32.20 5.52
N SER D 44 15.42 33.15 5.94
CA SER D 44 14.73 33.07 7.24
C SER D 44 13.84 31.85 7.41
N PRO D 45 13.09 31.47 6.37
CA PRO D 45 12.25 30.29 6.56
C PRO D 45 13.13 29.10 6.93
N PHE D 46 14.18 28.89 6.15
CA PHE D 46 15.09 27.80 6.42
C PHE D 46 15.68 27.87 7.82
N ILE D 47 16.22 29.04 8.15
CA ILE D 47 16.83 29.27 9.45
C ILE D 47 15.88 29.00 10.61
N HIS D 48 14.74 29.67 10.63
CA HIS D 48 13.77 29.49 11.71
C HIS D 48 13.20 28.09 11.79
N THR D 49 13.05 27.44 10.65
CA THR D 49 12.52 26.08 10.66
C THR D 49 13.46 25.29 11.56
N LEU D 50 14.76 25.43 11.30
CA LEU D 50 15.75 24.73 12.10
C LEU D 50 15.75 25.20 13.56
N PHE D 51 15.53 26.49 13.83
CA PHE D 51 15.53 26.91 15.22
C PHE D 51 14.43 26.22 16.01
N ALA D 52 13.27 26.08 15.38
CA ALA D 52 12.12 25.45 16.00
C ALA D 52 12.37 23.99 16.33
N ARG D 53 13.08 23.32 15.43
CA ARG D 53 13.39 21.90 15.58
C ARG D 53 14.47 21.69 16.64
N GLN D 54 15.44 22.61 16.68
CA GLN D 54 16.53 22.55 17.66
C GLN D 54 16.03 22.81 19.08
N THR D 55 15.07 23.71 19.25
CA THR D 55 14.53 24.02 20.57
C THR D 55 13.16 23.38 20.78
N GLN D 56 12.82 22.45 19.88
CA GLN D 56 11.57 21.71 19.91
C GLN D 56 10.33 22.58 20.08
N GLN D 57 10.32 23.76 19.46
CA GLN D 57 9.17 24.64 19.57
C GLN D 57 8.13 24.23 18.57
N SER D 58 6.87 24.43 18.97
CA SER D 58 5.73 24.10 18.13
C SER D 58 5.34 25.39 17.42
N MET D 59 6.00 25.64 16.30
CA MET D 59 5.79 26.82 15.49
C MET D 59 6.15 26.59 14.03
N ILE D 60 5.60 27.45 13.19
CA ILE D 60 5.83 27.40 11.76
C ILE D 60 6.18 28.83 11.31
N TYR D 61 7.16 28.91 10.42
CA TYR D 61 7.64 30.17 9.91
C TYR D 61 7.62 30.11 8.38
N THR D 62 6.90 31.01 7.72
CA THR D 62 6.85 31.00 6.27
C THR D 62 7.17 32.38 5.71
N ALA D 63 7.58 32.42 4.45
CA ALA D 63 7.92 33.67 3.77
C ALA D 63 6.68 34.09 2.99
N GLN D 64 6.18 35.29 3.27
CA GLN D 64 4.98 35.79 2.61
C GLN D 64 5.29 37.08 1.87
N CYS D 65 5.18 37.07 0.54
CA CYS D 65 5.43 38.28 -0.24
C CYS D 65 4.22 39.21 -0.17
N VAL D 66 4.48 40.50 -0.04
CA VAL D 66 3.39 41.48 0.07
C VAL D 66 3.53 42.63 -0.91
N PRO D 67 2.38 43.15 -1.42
CA PRO D 67 2.34 44.28 -2.34
C PRO D 67 3.11 45.45 -1.75
N VAL D 68 3.81 46.21 -2.59
CA VAL D 68 4.61 47.35 -2.11
C VAL D 68 3.90 48.33 -1.18
N ASP D 69 2.60 48.51 -1.38
CA ASP D 69 1.84 49.44 -0.56
C ASP D 69 0.74 48.75 0.24
N GLY D 70 1.03 47.55 0.74
CA GLY D 70 0.06 46.79 1.53
C GLY D 70 0.64 46.12 2.77
N PHE D 71 1.75 46.63 3.28
CA PHE D 71 2.36 46.03 4.47
C PHE D 71 1.50 46.17 5.72
N THR D 72 1.09 47.39 6.02
CA THR D 72 0.27 47.63 7.18
C THR D 72 -0.93 46.68 7.21
N GLU D 73 -1.69 46.63 6.12
CA GLU D 73 -2.85 45.74 6.08
C GLU D 73 -2.47 44.27 6.19
N ALA D 74 -1.45 43.84 5.46
CA ALA D 74 -1.02 42.46 5.52
C ALA D 74 -0.68 42.13 6.96
N ALA D 75 0.00 43.06 7.63
CA ALA D 75 0.40 42.90 9.02
C ALA D 75 -0.82 42.79 9.93
N LYS D 76 -1.60 43.85 10.02
CA LYS D 76 -2.81 43.86 10.86
C LYS D 76 -3.62 42.59 10.65
N HIS D 77 -3.63 42.10 9.42
CA HIS D 77 -4.34 40.88 9.04
C HIS D 77 -3.67 39.68 9.71
N PHE D 78 -2.37 39.53 9.49
CA PHE D 78 -1.59 38.44 10.04
C PHE D 78 -1.84 38.24 11.53
N PHE D 79 -1.81 39.34 12.28
CA PHE D 79 -2.03 39.29 13.72
C PHE D 79 -3.50 39.02 14.04
N ALA D 80 -4.40 39.45 13.17
CA ALA D 80 -5.83 39.23 13.37
C ALA D 80 -6.12 37.74 13.33
N GLN D 81 -5.53 37.03 12.38
CA GLN D 81 -5.72 35.58 12.24
C GLN D 81 -5.05 34.75 13.32
N GLY D 82 -4.16 35.36 14.10
CA GLY D 82 -3.46 34.65 15.17
C GLY D 82 -1.96 34.57 14.97
N GLY D 83 -1.39 35.61 14.37
CA GLY D 83 0.03 35.67 14.12
C GLY D 83 0.74 36.11 15.37
N ARG D 84 1.71 35.31 15.81
CA ARG D 84 2.49 35.60 17.01
C ARG D 84 3.54 36.69 16.79
N GLY D 85 4.28 36.58 15.69
CA GLY D 85 5.31 37.56 15.37
C GLY D 85 5.87 37.36 13.97
N CYS D 86 6.62 38.33 13.48
CA CYS D 86 7.18 38.22 12.16
C CYS D 86 8.38 39.14 11.92
N ASN D 87 9.15 38.80 10.90
CA ASN D 87 10.31 39.58 10.50
C ASN D 87 9.87 40.45 9.35
N VAL D 88 10.48 41.61 9.26
CA VAL D 88 10.20 42.56 8.21
C VAL D 88 11.50 42.85 7.49
N THR D 89 11.51 42.60 6.19
CA THR D 89 12.70 42.83 5.38
C THR D 89 12.39 44.05 4.53
N VAL D 90 13.24 44.33 3.55
CA VAL D 90 13.02 45.47 2.68
C VAL D 90 11.77 45.12 1.89
N PRO D 91 10.99 46.14 1.51
CA PRO D 91 11.21 47.55 1.76
C PRO D 91 10.34 48.09 2.87
N PHE D 92 9.87 47.23 3.77
CA PHE D 92 8.99 47.67 4.83
C PHE D 92 9.56 47.98 6.21
N LYS D 93 10.86 48.00 6.39
CA LYS D 93 11.38 48.27 7.73
C LYS D 93 10.94 49.61 8.34
N GLU D 94 10.83 50.65 7.53
CA GLU D 94 10.41 51.97 8.04
C GLU D 94 8.93 51.98 8.41
N GLU D 95 8.10 51.38 7.56
CA GLU D 95 6.66 51.33 7.83
C GLU D 95 6.40 50.50 9.09
N ALA D 96 7.27 49.52 9.33
CA ALA D 96 7.15 48.67 10.50
C ALA D 96 7.37 49.48 11.78
N TYR D 97 8.28 50.44 11.70
CA TYR D 97 8.62 51.32 12.82
C TYR D 97 7.40 52.14 13.24
N ARG D 98 6.57 52.51 12.28
CA ARG D 98 5.36 53.28 12.54
C ARG D 98 4.21 52.36 12.93
N PHE D 99 4.18 51.16 12.35
CA PHE D 99 3.13 50.18 12.65
C PHE D 99 3.18 49.69 14.09
N ALA D 100 4.37 49.62 14.66
CA ALA D 100 4.55 49.15 16.04
C ALA D 100 3.87 50.07 17.04
N ASP D 101 3.26 49.48 18.07
CA ASP D 101 2.59 50.23 19.10
C ASP D 101 3.68 50.82 19.99
N ARG D 102 4.61 49.96 20.41
CA ARG D 102 5.73 50.38 21.24
C ARG D 102 7.04 49.91 20.59
N LEU D 103 8.12 50.67 20.80
CA LEU D 103 9.41 50.33 20.24
C LEU D 103 10.45 50.12 21.31
N THR D 104 11.37 49.19 21.08
CA THR D 104 12.43 48.90 22.03
C THR D 104 13.46 50.00 21.85
N GLU D 105 14.30 50.21 22.87
CA GLU D 105 15.32 51.25 22.80
C GLU D 105 16.23 51.11 21.58
N ARG D 106 16.52 49.88 21.18
CA ARG D 106 17.38 49.68 20.01
C ARG D 106 16.69 49.93 18.66
N ALA D 107 15.38 49.72 18.61
CA ALA D 107 14.63 49.98 17.39
C ALA D 107 14.52 51.50 17.29
N ARG D 108 14.30 52.11 18.46
CA ARG D 108 14.17 53.55 18.61
C ARG D 108 15.30 54.21 17.83
N LEU D 109 16.52 53.93 18.26
CA LEU D 109 17.72 54.49 17.66
C LEU D 109 17.91 54.05 16.21
N ALA D 110 17.77 52.75 15.96
CA ALA D 110 17.94 52.23 14.62
C ALA D 110 17.12 53.02 13.59
N GLY D 111 15.89 53.37 13.95
CA GLY D 111 15.00 54.11 13.05
C GLY D 111 14.26 53.16 12.15
N ALA D 112 14.42 51.86 12.40
CA ALA D 112 13.75 50.82 11.63
C ALA D 112 13.35 49.66 12.52
N VAL D 113 12.48 48.80 12.01
CA VAL D 113 12.01 47.62 12.75
C VAL D 113 12.00 46.39 11.87
N ASN D 114 12.74 45.36 12.27
CA ASN D 114 12.80 44.14 11.48
C ASN D 114 12.11 42.98 12.18
N THR D 115 11.60 43.21 13.39
CA THR D 115 10.94 42.17 14.15
C THR D 115 9.68 42.68 14.84
N LEU D 116 8.59 41.94 14.69
CA LEU D 116 7.33 42.29 15.30
C LEU D 116 6.90 41.14 16.20
N LYS D 117 6.15 41.47 17.25
CA LYS D 117 5.66 40.48 18.22
C LYS D 117 4.37 40.94 18.88
N LYS D 118 3.36 40.09 18.84
CA LYS D 118 2.08 40.39 19.47
C LYS D 118 2.23 40.09 20.96
N LEU D 119 1.93 41.07 21.80
CA LEU D 119 2.02 40.90 23.25
C LEU D 119 0.72 40.32 23.77
N ASP D 120 0.66 40.10 25.08
CA ASP D 120 -0.53 39.55 25.74
C ASP D 120 -1.71 40.50 25.67
N ASP D 121 -1.46 41.80 25.87
CA ASP D 121 -2.53 42.80 25.84
C ASP D 121 -3.00 43.19 24.43
N GLY D 122 -2.49 42.51 23.41
CA GLY D 122 -2.87 42.80 22.04
C GLY D 122 -1.89 43.71 21.31
N GLU D 123 -1.06 44.42 22.08
CA GLU D 123 -0.07 45.32 21.47
C GLU D 123 0.98 44.59 20.65
N ILE D 124 1.51 45.32 19.67
CA ILE D 124 2.52 44.81 18.77
C ILE D 124 3.81 45.54 19.10
N LEU D 125 4.81 44.77 19.54
CA LEU D 125 6.12 45.31 19.91
C LEU D 125 7.04 45.36 18.70
N GLY D 126 7.67 46.50 18.48
CA GLY D 126 8.59 46.68 17.36
C GLY D 126 10.01 46.64 17.90
N ASP D 127 10.87 45.87 17.25
CA ASP D 127 12.25 45.77 17.68
C ASP D 127 13.13 45.71 16.44
N ASN D 128 14.44 45.73 16.66
CA ASN D 128 15.42 45.67 15.58
C ASN D 128 16.58 44.83 16.11
N THR D 129 16.77 43.66 15.51
CA THR D 129 17.82 42.74 15.91
C THR D 129 19.07 42.71 15.03
N ASP D 130 19.09 43.49 13.95
CA ASP D 130 20.27 43.50 13.06
C ASP D 130 21.59 43.78 13.79
N GLY D 131 21.62 44.82 14.60
CA GLY D 131 22.82 45.19 15.33
C GLY D 131 23.24 44.18 16.38
N GLU D 132 22.27 43.67 17.14
CA GLU D 132 22.59 42.70 18.18
C GLU D 132 23.07 41.43 17.50
N GLY D 133 22.54 41.14 16.31
CA GLY D 133 22.92 39.96 15.54
C GLY D 133 24.38 40.04 15.15
N LEU D 134 24.84 41.26 14.87
CA LEU D 134 26.22 41.51 14.52
C LEU D 134 27.09 41.29 15.75
N VAL D 135 26.65 41.87 16.87
CA VAL D 135 27.38 41.73 18.12
C VAL D 135 27.56 40.26 18.48
N GLN D 136 26.47 39.49 18.44
CA GLN D 136 26.56 38.07 18.79
C GLN D 136 27.46 37.29 17.82
N ASP D 137 27.52 37.70 16.56
CA ASP D 137 28.35 37.01 15.60
C ASP D 137 29.81 37.28 15.97
N LEU D 138 30.14 38.52 16.30
CA LEU D 138 31.49 38.88 16.70
C LEU D 138 31.93 38.01 17.87
N LEU D 139 31.10 37.96 18.91
CA LEU D 139 31.41 37.15 20.09
C LEU D 139 31.55 35.70 19.70
N ALA D 140 30.70 35.23 18.79
CA ALA D 140 30.77 33.84 18.34
C ALA D 140 32.09 33.61 17.61
N GLN D 141 32.62 34.65 16.98
CA GLN D 141 33.88 34.58 16.25
C GLN D 141 35.06 34.90 17.16
N GLN D 142 34.81 34.90 18.46
CA GLN D 142 35.83 35.15 19.47
C GLN D 142 36.49 36.52 19.38
N VAL D 143 35.70 37.57 19.20
CA VAL D 143 36.23 38.92 19.10
C VAL D 143 35.89 39.71 20.36
N LEU D 144 36.92 40.22 21.02
CA LEU D 144 36.78 40.99 22.24
C LEU D 144 36.31 42.41 21.94
N LEU D 145 35.08 42.74 22.27
CA LEU D 145 34.55 44.09 22.03
C LEU D 145 34.80 44.99 23.25
N LYS D 146 34.96 44.38 24.41
CA LYS D 146 35.23 45.08 25.67
C LYS D 146 36.56 45.82 25.57
N GLY D 147 36.54 47.13 25.79
CA GLY D 147 37.75 47.95 25.73
C GLY D 147 38.42 48.07 24.38
N ALA D 148 37.66 47.84 23.31
CA ALA D 148 38.21 47.91 21.96
C ALA D 148 37.95 49.25 21.30
N THR D 149 38.81 49.61 20.35
CA THR D 149 38.67 50.86 19.60
C THR D 149 38.02 50.38 18.31
N ILE D 150 36.84 50.90 18.01
CA ILE D 150 36.10 50.50 16.82
C ILE D 150 35.90 51.56 15.75
N LEU D 151 36.13 51.17 14.50
CA LEU D 151 35.94 52.07 13.37
C LEU D 151 34.76 51.50 12.60
N LEU D 152 33.70 52.29 12.48
CA LEU D 152 32.49 51.90 11.77
C LEU D 152 32.49 52.71 10.48
N ILE D 153 32.60 52.02 9.34
CA ILE D 153 32.61 52.69 8.05
C ILE D 153 31.21 52.68 7.49
N GLY D 154 30.72 53.87 7.16
CA GLY D 154 29.38 54.03 6.61
C GLY D 154 28.50 54.69 7.66
N ALA D 155 27.46 55.38 7.22
CA ALA D 155 26.55 56.07 8.12
C ALA D 155 25.08 55.94 7.70
N GLY D 156 24.77 54.90 6.94
CA GLY D 156 23.39 54.66 6.48
C GLY D 156 22.65 53.86 7.52
N GLY D 157 21.49 53.31 7.15
CA GLY D 157 20.67 52.51 8.06
C GLY D 157 21.42 51.39 8.76
N ALA D 158 22.22 50.65 8.00
CA ALA D 158 23.01 49.56 8.56
C ALA D 158 23.87 50.03 9.73
N ALA D 159 24.63 51.09 9.49
CA ALA D 159 25.52 51.65 10.51
C ALA D 159 24.74 52.14 11.72
N ARG D 160 23.62 52.80 11.45
CA ARG D 160 22.78 53.36 12.50
C ARG D 160 22.21 52.28 13.42
N GLY D 161 21.82 51.15 12.84
CA GLY D 161 21.25 50.05 13.60
C GLY D 161 22.20 49.30 14.51
N VAL D 162 23.50 49.36 14.22
CA VAL D 162 24.48 48.65 15.04
C VAL D 162 25.19 49.46 16.14
N LEU D 163 24.98 50.78 16.21
CA LEU D 163 25.66 51.58 17.24
C LEU D 163 25.33 51.22 18.69
N LYS D 164 24.05 51.24 19.05
CA LYS D 164 23.65 50.92 20.43
C LYS D 164 24.15 49.55 20.93
N PRO D 165 23.87 48.47 20.17
CA PRO D 165 24.33 47.16 20.61
C PRO D 165 25.86 47.08 20.78
N LEU D 166 26.61 47.80 19.95
CA LEU D 166 28.06 47.80 20.07
C LEU D 166 28.40 48.50 21.38
N LEU D 167 27.84 49.68 21.60
CA LEU D 167 28.09 50.44 22.83
C LEU D 167 27.79 49.62 24.09
N ASP D 168 26.83 48.68 24.02
CA ASP D 168 26.50 47.86 25.19
C ASP D 168 27.58 46.83 25.53
N GLN D 169 28.52 46.63 24.61
CA GLN D 169 29.62 45.71 24.85
C GLN D 169 30.77 46.49 25.49
N GLN D 170 30.49 47.76 25.77
CA GLN D 170 31.44 48.66 26.43
C GLN D 170 32.84 48.74 25.81
N PRO D 171 32.91 49.18 24.56
CA PRO D 171 34.20 49.32 23.89
C PRO D 171 34.87 50.59 24.36
N ALA D 172 36.16 50.74 24.11
CA ALA D 172 36.87 51.95 24.52
C ALA D 172 36.26 53.11 23.75
N SER D 173 36.12 52.96 22.44
CA SER D 173 35.53 54.01 21.62
C SER D 173 35.08 53.50 20.27
N ILE D 174 34.22 54.28 19.63
CA ILE D 174 33.71 53.96 18.31
C ILE D 174 33.91 55.18 17.43
N THR D 175 34.60 54.99 16.31
CA THR D 175 34.84 56.07 15.37
C THR D 175 33.96 55.81 14.16
N VAL D 176 33.11 56.78 13.82
CA VAL D 176 32.23 56.65 12.68
C VAL D 176 32.78 57.48 11.53
N THR D 177 32.72 56.95 10.32
CA THR D 177 33.22 57.65 9.15
C THR D 177 32.26 57.46 7.96
N ASN D 178 32.26 58.42 7.04
CA ASN D 178 31.39 58.38 5.86
C ASN D 178 32.07 59.20 4.77
N ARG D 179 31.76 58.99 3.48
CA ARG D 179 32.44 59.80 2.45
C ARG D 179 32.05 61.26 2.66
N THR D 180 30.85 61.47 3.20
CA THR D 180 30.35 62.81 3.49
C THR D 180 30.30 62.92 5.02
N PHE D 181 31.27 63.63 5.58
CA PHE D 181 31.40 63.82 7.02
C PHE D 181 30.10 64.20 7.74
N ALA D 182 29.36 65.14 7.16
CA ALA D 182 28.10 65.61 7.74
C ALA D 182 27.20 64.50 8.27
N LYS D 183 26.90 63.51 7.43
CA LYS D 183 26.03 62.40 7.83
C LYS D 183 26.67 61.52 8.90
N ALA D 184 28.00 61.47 8.90
CA ALA D 184 28.74 60.70 9.90
C ALA D 184 28.73 61.47 11.21
N GLU D 185 28.71 62.80 11.09
CA GLU D 185 28.68 63.71 12.24
C GLU D 185 27.33 63.64 12.96
N GLN D 186 26.26 63.44 12.21
CA GLN D 186 24.92 63.36 12.80
C GLN D 186 24.79 62.13 13.67
N LEU D 187 25.20 61.02 13.08
CA LEU D 187 25.14 59.73 13.71
C LEU D 187 25.99 59.63 14.98
N ALA D 188 27.21 60.17 14.95
CA ALA D 188 28.09 60.13 16.13
C ALA D 188 27.54 60.95 17.29
N GLU D 189 26.83 62.02 16.97
CA GLU D 189 26.23 62.89 17.98
C GLU D 189 24.93 62.29 18.49
N LEU D 190 24.31 61.43 17.69
CA LEU D 190 23.06 60.78 18.07
C LEU D 190 23.27 59.85 19.25
N VAL D 191 24.45 59.25 19.33
CA VAL D 191 24.78 58.34 20.41
C VAL D 191 25.96 58.81 21.28
N ALA D 192 26.27 60.10 21.22
CA ALA D 192 27.37 60.67 21.99
C ALA D 192 27.17 60.52 23.50
N ALA D 193 25.90 60.55 23.92
CA ALA D 193 25.54 60.41 25.32
C ALA D 193 25.86 59.01 25.83
N TYR D 194 25.68 58.01 24.96
CA TYR D 194 25.94 56.62 25.31
C TYR D 194 27.42 56.24 25.44
N GLY D 195 28.33 57.12 25.02
CA GLY D 195 29.75 56.81 25.13
C GLY D 195 30.66 57.56 24.17
N GLU D 196 31.94 57.22 24.22
CA GLU D 196 32.97 57.82 23.39
C GLU D 196 32.74 57.47 21.91
N VAL D 197 32.00 58.34 21.22
CA VAL D 197 31.71 58.13 19.81
C VAL D 197 32.18 59.36 19.04
N LYS D 198 33.24 59.17 18.26
CA LYS D 198 33.82 60.24 17.47
C LYS D 198 33.38 60.07 16.02
N ALA D 199 33.35 61.16 15.28
CA ALA D 199 32.97 61.14 13.88
C ALA D 199 34.12 61.73 13.11
N GLN D 200 34.61 61.03 12.10
CA GLN D 200 35.72 61.54 11.29
C GLN D 200 35.53 61.26 9.82
N ALA D 201 36.21 62.07 9.01
CA ALA D 201 36.15 61.93 7.58
C ALA D 201 37.28 61.06 7.09
N PHE D 202 37.01 60.36 6.00
CA PHE D 202 37.96 59.48 5.34
C PHE D 202 39.39 60.03 5.40
N GLU D 203 39.53 61.29 5.03
CA GLU D 203 40.82 61.97 5.01
C GLU D 203 41.51 62.14 6.38
N GLN D 204 40.73 62.11 7.47
CA GLN D 204 41.28 62.29 8.83
C GLN D 204 41.79 61.01 9.53
N LEU D 205 41.43 59.84 9.02
CA LEU D 205 41.85 58.58 9.63
C LEU D 205 43.35 58.30 9.48
N LYS D 206 44.07 58.36 10.60
CA LYS D 206 45.53 58.13 10.60
C LYS D 206 46.05 57.20 11.70
N GLN D 207 45.25 56.21 12.08
CA GLN D 207 45.69 55.26 13.12
C GLN D 207 44.96 53.92 12.96
N SER D 208 45.47 52.90 13.65
CA SER D 208 44.86 51.58 13.58
C SER D 208 43.74 51.42 14.61
N TYR D 209 42.83 50.50 14.31
CA TYR D 209 41.69 50.20 15.16
C TYR D 209 41.67 48.71 15.42
N ASP D 210 41.14 48.33 16.58
CA ASP D 210 41.04 46.93 16.96
C ASP D 210 40.04 46.19 16.08
N VAL D 211 38.89 46.82 15.85
CA VAL D 211 37.84 46.22 15.04
C VAL D 211 37.33 47.19 13.97
N ILE D 212 37.47 46.83 12.70
CA ILE D 212 36.99 47.67 11.60
C ILE D 212 35.71 47.03 11.07
N ILE D 213 34.61 47.76 11.11
CA ILE D 213 33.32 47.26 10.64
C ILE D 213 32.84 47.96 9.37
N ASN D 214 32.65 47.20 8.30
CA ASN D 214 32.18 47.77 7.04
C ASN D 214 30.68 47.58 6.82
N SER D 215 29.93 48.67 6.83
CA SER D 215 28.48 48.62 6.63
C SER D 215 28.07 49.18 5.27
N THR D 216 29.02 49.45 4.39
CA THR D 216 28.72 49.99 3.07
C THR D 216 28.71 48.88 2.02
N SER D 217 27.95 49.08 0.95
CA SER D 217 27.84 48.09 -0.12
C SER D 217 28.73 48.37 -1.32
N ALA D 218 29.32 49.57 -1.40
CA ALA D 218 30.18 49.93 -2.53
C ALA D 218 31.11 48.80 -3.00
N SER D 219 31.74 48.12 -2.05
CA SER D 219 32.67 47.02 -2.30
C SER D 219 32.17 45.89 -3.23
N LEU D 220 30.89 45.55 -3.16
CA LEU D 220 30.36 44.48 -4.02
C LEU D 220 30.60 44.81 -5.50
N ASP D 221 30.79 46.09 -5.80
CA ASP D 221 31.05 46.55 -7.16
C ASP D 221 32.53 46.84 -7.39
N GLY D 222 33.40 46.25 -6.56
CA GLY D 222 34.84 46.45 -6.69
C GLY D 222 35.42 47.73 -6.11
N GLU D 223 34.56 48.66 -5.67
CA GLU D 223 35.02 49.92 -5.11
C GLU D 223 35.41 49.92 -3.63
N LEU D 224 36.53 50.55 -3.33
CA LEU D 224 37.04 50.68 -1.98
C LEU D 224 37.02 52.15 -1.58
N PRO D 225 36.73 52.41 -0.31
CA PRO D 225 36.68 53.77 0.18
C PRO D 225 38.09 54.37 0.20
N ALA D 226 38.20 55.65 -0.12
CA ALA D 226 39.50 56.32 -0.13
C ALA D 226 39.98 56.61 1.29
N ILE D 227 40.38 55.55 2.00
CA ILE D 227 40.88 55.67 3.37
C ILE D 227 42.30 55.15 3.43
N ASP D 228 43.17 55.85 4.15
CA ASP D 228 44.54 55.42 4.28
C ASP D 228 44.46 54.05 4.96
N PRO D 229 45.16 53.04 4.42
CA PRO D 229 45.10 51.70 5.05
C PRO D 229 45.74 51.59 6.43
N VAL D 230 46.28 52.68 6.97
CA VAL D 230 46.91 52.64 8.30
C VAL D 230 45.87 52.17 9.33
N ILE D 231 44.59 52.22 8.97
CA ILE D 231 43.55 51.78 9.87
C ILE D 231 43.68 50.30 10.19
N PHE D 232 44.29 49.54 9.28
CA PHE D 232 44.46 48.10 9.50
C PHE D 232 45.81 47.83 10.12
N SER D 233 45.90 46.74 10.88
CA SER D 233 47.15 46.37 11.53
C SER D 233 47.16 44.87 11.84
N SER D 234 48.25 44.40 12.43
CA SER D 234 48.39 43.00 12.78
C SER D 234 47.45 42.56 13.91
N ARG D 235 46.97 43.51 14.70
CA ARG D 235 46.08 43.19 15.81
C ARG D 235 44.62 43.49 15.43
N SER D 236 44.38 43.86 14.18
CA SER D 236 43.04 44.21 13.73
C SER D 236 42.14 43.07 13.27
N VAL D 237 40.85 43.22 13.59
CA VAL D 237 39.84 42.28 13.20
C VAL D 237 38.92 43.07 12.27
N CYS D 238 38.69 42.55 11.08
CA CYS D 238 37.84 43.21 10.11
C CYS D 238 36.50 42.49 9.94
N TYR D 239 35.41 43.24 10.03
CA TYR D 239 34.07 42.67 9.88
C TYR D 239 33.35 43.41 8.76
N ASP D 240 32.85 42.66 7.78
CA ASP D 240 32.14 43.24 6.65
C ASP D 240 30.73 42.68 6.69
N MET D 241 29.72 43.54 6.59
CA MET D 241 28.34 43.09 6.63
C MET D 241 27.98 42.38 5.34
N MET D 242 28.73 42.63 4.28
CA MET D 242 28.48 41.97 3.01
C MET D 242 28.99 40.55 3.16
N TYR D 243 28.68 39.69 2.20
CA TYR D 243 29.13 38.31 2.23
C TYR D 243 29.00 37.67 0.87
N GLY D 244 29.71 36.55 0.68
CA GLY D 244 29.69 35.82 -0.56
C GLY D 244 30.63 34.63 -0.52
N LYS D 245 30.99 34.13 -1.70
CA LYS D 245 31.87 32.99 -1.81
C LYS D 245 33.28 33.51 -1.48
N GLY D 246 34.08 32.69 -0.80
CA GLY D 246 35.43 33.10 -0.42
C GLY D 246 35.39 34.33 0.45
N TYR D 247 36.29 35.28 0.20
CA TYR D 247 36.35 36.54 0.97
C TYR D 247 35.78 37.74 0.21
N THR D 248 35.16 38.66 0.94
CA THR D 248 34.57 39.85 0.34
C THR D 248 35.74 40.76 -0.08
N VAL D 249 35.55 41.62 -1.07
CA VAL D 249 36.63 42.48 -1.51
C VAL D 249 37.16 43.36 -0.39
N PHE D 250 36.30 43.75 0.54
CA PHE D 250 36.72 44.60 1.64
C PHE D 250 37.68 43.83 2.53
N ASN D 251 37.35 42.57 2.80
CA ASN D 251 38.20 41.75 3.65
C ASN D 251 39.55 41.50 2.99
N GLN D 252 39.56 41.27 1.68
CA GLN D 252 40.81 41.03 0.96
C GLN D 252 41.67 42.27 1.11
N TRP D 253 41.03 43.43 1.06
CA TRP D 253 41.73 44.68 1.18
C TRP D 253 42.29 44.77 2.59
N ALA D 254 41.50 44.32 3.55
CA ALA D 254 41.91 44.33 4.92
C ALA D 254 43.13 43.43 5.10
N ARG D 255 43.17 42.27 4.44
CA ARG D 255 44.33 41.37 4.62
C ARG D 255 45.57 41.83 3.84
N GLN D 256 45.40 42.62 2.78
CA GLN D 256 46.57 43.09 2.04
C GLN D 256 47.40 43.96 2.98
N HIS D 257 46.72 44.56 3.96
CA HIS D 257 47.39 45.43 4.91
C HIS D 257 47.62 44.85 6.31
N GLY D 258 47.73 43.52 6.38
CA GLY D 258 47.99 42.83 7.65
C GLY D 258 46.88 42.52 8.63
N CYS D 259 45.63 42.65 8.22
CA CYS D 259 44.54 42.36 9.13
C CYS D 259 44.66 40.94 9.66
N ALA D 260 44.49 40.77 10.97
CA ALA D 260 44.59 39.47 11.62
C ALA D 260 43.45 38.49 11.26
N GLN D 261 42.21 38.93 11.42
CA GLN D 261 41.05 38.09 11.12
C GLN D 261 40.02 38.89 10.36
N ALA D 262 39.39 38.27 9.36
CA ALA D 262 38.38 38.91 8.52
C ALA D 262 37.12 38.07 8.50
N ILE D 263 35.99 38.66 8.90
CA ILE D 263 34.71 37.98 8.96
C ILE D 263 33.67 38.62 8.02
N ASP D 264 32.83 37.81 7.38
CA ASP D 264 31.81 38.36 6.49
C ASP D 264 30.52 38.43 7.30
N GLY D 265 29.44 38.90 6.68
CA GLY D 265 28.16 39.06 7.37
C GLY D 265 27.16 37.92 7.41
N LEU D 266 27.52 36.73 6.93
CA LEU D 266 26.59 35.63 6.95
C LEU D 266 26.13 35.35 8.39
N GLY D 267 27.05 35.45 9.34
CA GLY D 267 26.74 35.21 10.75
C GLY D 267 25.81 36.28 11.33
N MET D 268 25.83 37.48 10.74
CA MET D 268 24.97 38.56 11.19
C MET D 268 23.51 38.22 10.87
N LEU D 269 23.32 37.61 9.70
CA LEU D 269 22.01 37.21 9.24
C LEU D 269 21.44 36.17 10.21
N VAL D 270 22.21 35.15 10.52
CA VAL D 270 21.71 34.13 11.44
C VAL D 270 21.55 34.69 12.85
N GLY D 271 22.46 35.58 13.23
CA GLY D 271 22.42 36.19 14.55
C GLY D 271 21.19 37.04 14.77
N GLN D 272 20.82 37.85 13.78
CA GLN D 272 19.64 38.69 13.92
C GLN D 272 18.40 37.79 14.05
N ALA D 273 18.41 36.67 13.32
CA ALA D 273 17.31 35.72 13.36
C ALA D 273 17.21 35.08 14.75
N ALA D 274 18.38 34.75 15.30
CA ALA D 274 18.46 34.13 16.62
C ALA D 274 17.89 35.06 17.69
N GLU D 275 18.19 36.35 17.57
CA GLU D 275 17.69 37.33 18.52
C GLU D 275 16.20 37.53 18.40
N SER D 276 15.66 37.41 17.19
CA SER D 276 14.23 37.56 17.01
C SER D 276 13.57 36.34 17.62
N PHE D 277 14.16 35.17 17.37
CA PHE D 277 13.61 33.93 17.88
C PHE D 277 13.55 34.08 19.41
N MET D 278 14.65 34.59 19.97
CA MET D 278 14.76 34.86 21.40
C MET D 278 13.55 35.65 21.86
N LEU D 279 13.33 36.78 21.20
CA LEU D 279 12.24 37.69 21.53
C LEU D 279 10.87 37.02 21.52
N TRP D 280 10.64 36.12 20.56
CA TRP D 280 9.36 35.46 20.47
C TRP D 280 9.20 34.22 21.37
N ARG D 281 10.24 33.40 21.43
CA ARG D 281 10.15 32.16 22.21
C ARG D 281 10.76 32.19 23.61
N GLY D 282 11.71 33.09 23.85
CA GLY D 282 12.36 33.19 25.16
C GLY D 282 13.56 32.28 25.32
N LEU D 283 14.12 31.85 24.20
CA LEU D 283 15.28 30.96 24.20
C LEU D 283 16.17 31.36 23.04
N ARG D 284 17.48 31.41 23.23
CA ARG D 284 18.34 31.76 22.11
C ARG D 284 18.75 30.42 21.51
N PRO D 285 18.46 30.22 20.22
CA PRO D 285 18.84 28.96 19.61
C PRO D 285 20.28 28.99 19.14
N GLY D 286 20.83 27.81 18.85
CA GLY D 286 22.21 27.70 18.38
C GLY D 286 22.25 28.13 16.94
N THR D 287 23.30 28.85 16.57
CA THR D 287 23.47 29.36 15.21
C THR D 287 24.57 28.69 14.41
N LYS D 288 25.50 28.05 15.10
CA LYS D 288 26.65 27.39 14.48
C LYS D 288 26.37 26.35 13.39
N GLN D 289 25.47 25.39 13.62
CA GLN D 289 25.21 24.39 12.58
C GLN D 289 24.52 25.02 11.37
N ILE D 290 23.55 25.89 11.62
CA ILE D 290 22.81 26.58 10.58
C ILE D 290 23.72 27.43 9.69
N LEU D 291 24.61 28.19 10.32
CA LEU D 291 25.54 29.05 9.60
C LEU D 291 26.42 28.20 8.67
N ARG D 292 26.99 27.17 9.25
CA ARG D 292 27.85 26.24 8.54
C ARG D 292 27.11 25.66 7.33
N GLU D 293 25.81 25.43 7.47
CA GLU D 293 25.02 24.84 6.40
C GLU D 293 24.78 25.89 5.31
N LEU D 294 24.42 27.11 5.70
CA LEU D 294 24.21 28.17 4.71
C LEU D 294 25.52 28.46 4.00
N ARG D 295 26.63 28.30 4.72
CA ARG D 295 27.95 28.53 4.14
C ARG D 295 28.19 27.55 2.98
N LYS D 296 27.73 26.31 3.13
CA LYS D 296 27.89 25.30 2.10
C LYS D 296 27.16 25.74 0.84
N ASN D 297 25.89 26.09 0.98
CA ASN D 297 25.08 26.52 -0.15
C ASN D 297 25.74 27.65 -0.94
N LEU D 298 26.25 28.67 -0.25
CA LEU D 298 26.90 29.77 -0.96
C LEU D 298 28.07 29.30 -1.79
N GLU D 299 28.94 28.49 -1.18
CA GLU D 299 30.13 27.97 -1.84
C GLU D 299 29.81 27.07 -3.05
#